data_7SP8
#
_entry.id   7SP8
#
_cell.length_a   1.00
_cell.length_b   1.00
_cell.length_c   1.00
_cell.angle_alpha   90.00
_cell.angle_beta   90.00
_cell.angle_gamma   90.00
#
_symmetry.space_group_name_H-M   'P 1'
#
loop_
_entity.id
_entity.type
_entity.pdbx_description
1 polymer 'Hyaluronan synthase'
2 polymer 'Nanobody 872'
3 polymer 'Nanobody 881'
4 non-polymer URIDINE-DIPHOSPHATE-N-ACETYLGLUCOSAMINE
5 non-polymer 1,2-Distearoyl-sn-glycerophosphoethanolamine
6 non-polymer 'CHOLESTEROL HEMISUCCINATE'
7 non-polymer 'MANGANESE (II) ION'
#
loop_
_entity_poly.entity_id
_entity_poly.type
_entity_poly.pdbx_seq_one_letter_code
_entity_poly.pdbx_strand_id
1 'polypeptide(L)'
;MGTSWRTIVSANLFAVGGALLMLAPAIVGYVFQWNIGVSAVWGISVYGVFVLGFYIAQIVFSEFNRMRLSDWISLRPDNW
NATRVAVIIAGYREDPFMFKKCLESVRDSEYGNVARLICVIDGDEEEDLKMAEIYKQVYNDNVKKPGVVLCESENKNGST
IDSDVSKNICILQPHRGKRESLYTGFQLASMDPSVHAVVLIDSDTVLEKNAILEVVYPLSCDPNIKAVAGECKIWNTDTI
LSMLVSWRYFSAFNVERGAQSLWKTVQCVGGPLGAYTIDIINEIKDPWITQTFLGNKCTYGDNRRLTNEVLMRGKKIVYT
PFAVGWSDSPTNVMRYIVQQTRWSKSWCREIWYTLGSAWKHGFSGIYLAFECMYQIMYFFLVMYLFSYIAIKADIRAQTA
TVLVSTLVTIIKSSYLALRAKNLKAFYFVLYTYVYFFCMIPARITAMFTMFDIAWGTRGGNAKMTIGARVWLWAKQFLIT
YMWWAGVLAAGVYSIVDNWYFDWADIQYRFALVGICSYLVFVSIVLVIYLIGKITTWNYTPLQKELIEERYLHNASENAP
EVLEHHHHHH
;
A
2 'polypeptide(L)'
;QVQLVESGGGLVQAGGSLKVSCAASGRAFKTYRMAWFRQAPGKEREFVSGISALETTYYADSVKGRFTISRDNTKNTVSL
QMDSLKPEDTAVYYCAARRYGGTDYTTTGSYDYWGQGTQVTVSSHHHHHHEPEA
;
B
3 'polypeptide(L)'
;QVQLVESGGGLVQAGGSLRLACAASGRIFSSDTLAWFRRAPGKEREFVAASRWSGGGTDYADSVKGRFTFSRDNTRNTMC
LEMNSLKPEDTAVYYCALRTARDSYYYTRNPTGYDYWGQGTQVTVSSHHHHHHEPEA
;
C
#
# COMPACT_ATOMS: atom_id res chain seq x y z
N SER A 39 25.04 15.06 -17.13
CA SER A 39 23.95 15.69 -16.40
C SER A 39 22.77 14.73 -16.25
N ALA A 40 22.14 14.38 -17.37
CA ALA A 40 21.02 13.46 -17.33
C ALA A 40 21.46 12.08 -16.85
N VAL A 41 22.61 11.60 -17.33
CA VAL A 41 23.11 10.30 -16.90
C VAL A 41 23.44 10.32 -15.41
N TRP A 42 24.03 11.41 -14.93
CA TRP A 42 24.32 11.54 -13.51
C TRP A 42 23.05 11.52 -12.67
N GLY A 43 22.02 12.24 -13.13
CA GLY A 43 20.76 12.26 -12.42
C GLY A 43 20.10 10.90 -12.37
N ILE A 44 20.09 10.19 -13.50
CA ILE A 44 19.51 8.85 -13.53
C ILE A 44 20.29 7.92 -12.61
N SER A 45 21.61 8.00 -12.64
CA SER A 45 22.44 7.12 -11.81
C SER A 45 22.19 7.38 -10.32
N VAL A 46 22.17 8.65 -9.92
CA VAL A 46 21.98 8.95 -8.50
C VAL A 46 20.56 8.58 -8.06
N TYR A 47 19.57 8.79 -8.93
CA TYR A 47 18.21 8.38 -8.62
C TYR A 47 18.14 6.87 -8.41
N GLY A 48 18.75 6.10 -9.30
CA GLY A 48 18.72 4.65 -9.17
C GLY A 48 19.41 4.18 -7.91
N VAL A 49 20.60 4.70 -7.64
CA VAL A 49 21.34 4.29 -6.43
C VAL A 49 20.55 4.65 -5.19
N PHE A 50 19.98 5.86 -5.15
CA PHE A 50 19.21 6.30 -3.99
C PHE A 50 18.03 5.38 -3.73
N VAL A 51 17.23 5.13 -4.77
CA VAL A 51 16.02 4.31 -4.61
C VAL A 51 16.38 2.89 -4.19
N LEU A 52 17.33 2.27 -4.91
CA LEU A 52 17.70 0.90 -4.58
C LEU A 52 18.30 0.78 -3.19
N GLY A 53 19.18 1.72 -2.81
CA GLY A 53 19.76 1.66 -1.48
C GLY A 53 18.72 1.79 -0.38
N PHE A 54 17.81 2.76 -0.53
CA PHE A 54 16.77 2.91 0.49
C PHE A 54 15.88 1.68 0.55
N TYR A 55 15.53 1.12 -0.61
CA TYR A 55 14.65 -0.04 -0.62
C TYR A 55 15.32 -1.25 0.04
N ILE A 56 16.59 -1.49 -0.26
CA ILE A 56 17.29 -2.61 0.35
C ILE A 56 17.46 -2.39 1.86
N ALA A 57 17.75 -1.16 2.28
CA ALA A 57 17.87 -0.89 3.71
C ALA A 57 16.54 -1.13 4.42
N GLN A 58 15.44 -0.69 3.81
CA GLN A 58 14.12 -0.92 4.40
C GLN A 58 13.78 -2.41 4.44
N ILE A 59 14.16 -3.15 3.40
CA ILE A 59 13.91 -4.60 3.38
C ILE A 59 14.67 -5.28 4.51
N VAL A 60 15.94 -4.92 4.70
CA VAL A 60 16.74 -5.51 5.76
C VAL A 60 16.15 -5.17 7.12
N PHE A 61 15.75 -3.91 7.31
CA PHE A 61 15.15 -3.50 8.58
C PHE A 61 13.85 -4.26 8.84
N SER A 62 13.02 -4.43 7.81
CA SER A 62 11.77 -5.17 7.97
C SER A 62 12.03 -6.64 8.31
N GLU A 63 13.04 -7.25 7.68
CA GLU A 63 13.37 -8.62 7.99
C GLU A 63 13.86 -8.76 9.43
N PHE A 64 14.68 -7.81 9.90
CA PHE A 64 15.13 -7.85 11.28
C PHE A 64 13.97 -7.68 12.24
N ASN A 65 13.04 -6.77 11.93
CA ASN A 65 11.86 -6.60 12.78
C ASN A 65 11.01 -7.86 12.82
N ARG A 66 10.83 -8.51 11.66
CA ARG A 66 10.07 -9.75 11.62
C ARG A 66 10.74 -10.83 12.45
N MET A 67 12.07 -10.92 12.38
CA MET A 67 12.79 -11.88 13.19
C MET A 67 12.62 -11.59 14.69
N ARG A 68 12.67 -10.31 15.06
CA ARG A 68 12.49 -9.96 16.47
C ARG A 68 11.10 -10.32 16.96
N LEU A 69 10.07 -10.01 16.17
CA LEU A 69 8.71 -10.37 16.57
C LEU A 69 8.52 -11.89 16.62
N SER A 70 9.13 -12.62 15.69
CA SER A 70 9.06 -14.08 15.74
C SER A 70 9.71 -14.62 17.00
N ASP A 71 10.87 -14.07 17.37
CA ASP A 71 11.53 -14.50 18.60
C ASP A 71 10.68 -14.18 19.82
N TRP A 72 10.04 -13.02 19.84
CA TRP A 72 9.16 -12.66 20.95
C TRP A 72 7.97 -13.61 21.03
N ILE A 73 7.37 -13.95 19.89
CA ILE A 73 6.22 -14.84 19.87
C ILE A 73 6.61 -16.24 20.31
N SER A 74 7.82 -16.68 19.95
CA SER A 74 8.26 -18.03 20.30
C SER A 74 8.27 -18.27 21.81
N LEU A 75 8.37 -17.20 22.61
CA LEU A 75 8.35 -17.32 24.06
C LEU A 75 6.97 -17.09 24.67
N ARG A 76 5.94 -16.90 23.84
CA ARG A 76 4.60 -16.64 24.35
C ARG A 76 4.00 -17.90 24.94
N PRO A 77 3.55 -17.88 26.19
CA PRO A 77 2.88 -19.06 26.75
C PRO A 77 1.54 -19.32 26.05
N ASP A 78 1.15 -20.59 26.03
CA ASP A 78 -0.11 -20.97 25.41
C ASP A 78 -1.29 -20.44 26.21
N ASN A 79 -2.36 -20.11 25.49
CA ASN A 79 -3.58 -19.57 26.09
C ASN A 79 -3.30 -18.32 26.92
N TRP A 80 -2.53 -17.40 26.34
CA TRP A 80 -2.16 -16.17 27.01
C TRP A 80 -3.29 -15.16 26.85
N ASN A 81 -3.93 -14.79 27.96
CA ASN A 81 -5.00 -13.80 27.96
C ASN A 81 -4.85 -12.86 29.15
N ALA A 82 -3.61 -12.50 29.47
CA ALA A 82 -3.36 -11.64 30.64
C ALA A 82 -3.95 -10.26 30.45
N THR A 83 -3.83 -9.69 29.25
CA THR A 83 -4.27 -8.31 29.00
C THR A 83 -5.74 -8.28 28.62
N ARG A 84 -6.50 -7.42 29.28
CA ARG A 84 -7.90 -7.21 28.97
C ARG A 84 -8.03 -6.16 27.88
N VAL A 85 -8.73 -6.50 26.80
CA VAL A 85 -8.82 -5.66 25.61
C VAL A 85 -10.28 -5.38 25.30
N ALA A 86 -10.59 -4.13 24.96
CA ALA A 86 -11.92 -3.72 24.56
C ALA A 86 -11.89 -3.32 23.08
N VAL A 87 -12.87 -3.78 22.33
CA VAL A 87 -12.94 -3.56 20.89
C VAL A 87 -13.87 -2.39 20.62
N ILE A 88 -13.39 -1.40 19.86
CA ILE A 88 -14.16 -0.23 19.49
C ILE A 88 -14.28 -0.19 17.97
N ILE A 89 -15.52 -0.09 17.48
CA ILE A 89 -15.81 -0.05 16.05
C ILE A 89 -16.57 1.23 15.75
N ALA A 90 -16.09 1.98 14.75
CA ALA A 90 -16.72 3.21 14.32
C ALA A 90 -17.01 3.14 12.82
N GLY A 91 -18.19 3.61 12.43
CA GLY A 91 -18.58 3.57 11.03
C GLY A 91 -19.65 4.59 10.74
N TYR A 92 -19.85 4.85 9.45
CA TYR A 92 -20.85 5.81 8.99
C TYR A 92 -21.38 5.36 7.64
N ARG A 93 -22.66 4.99 7.60
CA ARG A 93 -23.33 4.58 6.35
C ARG A 93 -22.60 3.42 5.68
N GLU A 94 -22.13 2.47 6.48
CA GLU A 94 -21.45 1.31 5.95
C GLU A 94 -22.45 0.35 5.28
N ASP A 95 -21.94 -0.44 4.35
CA ASP A 95 -22.76 -1.43 3.68
C ASP A 95 -23.24 -2.46 4.70
N PRO A 96 -24.54 -2.78 4.74
CA PRO A 96 -25.02 -3.74 5.75
C PRO A 96 -24.35 -5.10 5.68
N PHE A 97 -24.07 -5.59 4.47
CA PHE A 97 -23.37 -6.86 4.35
C PHE A 97 -21.95 -6.78 4.90
N MET A 98 -21.24 -5.70 4.57
CA MET A 98 -19.88 -5.53 5.09
C MET A 98 -19.88 -5.39 6.61
N PHE A 99 -20.83 -4.63 7.15
CA PHE A 99 -20.93 -4.49 8.60
C PHE A 99 -21.23 -5.82 9.27
N LYS A 100 -22.15 -6.61 8.70
CA LYS A 100 -22.46 -7.91 9.26
C LYS A 100 -21.26 -8.84 9.23
N LYS A 101 -20.52 -8.83 8.11
CA LYS A 101 -19.33 -9.68 8.02
C LYS A 101 -18.26 -9.23 9.01
N CYS A 102 -18.09 -7.92 9.20
CA CYS A 102 -17.14 -7.43 10.18
C CYS A 102 -17.52 -7.85 11.58
N LEU A 103 -18.81 -7.75 11.93
CA LEU A 103 -19.26 -8.16 13.25
C LEU A 103 -19.07 -9.66 13.46
N GLU A 104 -19.36 -10.45 12.42
CA GLU A 104 -19.16 -11.90 12.53
C GLU A 104 -17.68 -12.23 12.71
N SER A 105 -16.80 -11.54 11.97
CA SER A 105 -15.36 -11.78 12.11
C SER A 105 -14.88 -11.39 13.51
N VAL A 106 -15.43 -10.30 14.06
CA VAL A 106 -15.10 -9.93 15.44
C VAL A 106 -15.55 -11.00 16.40
N ARG A 107 -16.76 -11.54 16.19
CA ARG A 107 -17.24 -12.62 17.06
C ARG A 107 -16.44 -13.90 16.87
N ASP A 108 -15.85 -14.09 15.69
CA ASP A 108 -15.06 -15.29 15.42
C ASP A 108 -13.67 -15.24 16.05
N SER A 109 -13.28 -14.13 16.66
CA SER A 109 -11.97 -14.02 17.27
C SER A 109 -11.84 -15.02 18.42
N GLU A 110 -10.64 -15.58 18.56
CA GLU A 110 -10.37 -16.59 19.58
C GLU A 110 -9.87 -16.00 20.89
N TYR A 111 -9.79 -14.67 20.99
CA TYR A 111 -9.34 -14.06 22.23
C TYR A 111 -10.40 -14.19 23.31
N GLY A 112 -10.02 -14.73 24.46
CA GLY A 112 -10.96 -14.99 25.53
C GLY A 112 -10.91 -13.97 26.66
N ASN A 113 -10.31 -12.81 26.41
CA ASN A 113 -10.18 -11.76 27.40
C ASN A 113 -10.68 -10.43 26.85
N VAL A 114 -11.85 -10.46 26.23
CA VAL A 114 -12.50 -9.27 25.69
C VAL A 114 -13.55 -8.82 26.70
N ALA A 115 -13.36 -7.62 27.25
CA ALA A 115 -14.28 -7.11 28.26
C ALA A 115 -15.66 -6.84 27.66
N ARG A 116 -15.71 -6.10 26.56
CA ARG A 116 -16.96 -5.75 25.90
C ARG A 116 -16.64 -5.23 24.50
N LEU A 117 -17.68 -5.15 23.67
CA LEU A 117 -17.58 -4.57 22.34
C LEU A 117 -18.38 -3.29 22.30
N ILE A 118 -17.73 -2.21 21.86
CA ILE A 118 -18.33 -0.89 21.80
C ILE A 118 -18.41 -0.48 20.33
N CYS A 119 -19.63 -0.20 19.86
CA CYS A 119 -19.86 0.27 18.50
C CYS A 119 -20.42 1.67 18.55
N VAL A 120 -19.75 2.61 17.88
CA VAL A 120 -20.17 4.01 17.85
C VAL A 120 -20.49 4.37 16.42
N ILE A 121 -21.71 4.88 16.20
CA ILE A 121 -22.16 5.30 14.88
C ILE A 121 -22.64 6.75 14.99
N ASP A 122 -22.11 7.62 14.12
CA ASP A 122 -22.55 9.01 14.05
C ASP A 122 -23.84 9.08 13.24
N GLY A 123 -24.91 8.62 13.86
CA GLY A 123 -26.20 8.51 13.19
C GLY A 123 -27.21 9.56 13.57
N ASP A 124 -28.14 9.21 14.46
CA ASP A 124 -29.24 10.06 14.87
C ASP A 124 -30.14 10.42 13.69
N GLU A 125 -30.24 9.54 12.70
CA GLU A 125 -31.08 9.75 11.52
C GLU A 125 -31.75 8.43 11.16
N GLU A 126 -32.81 8.54 10.36
CA GLU A 126 -33.55 7.34 9.95
C GLU A 126 -32.73 6.47 9.02
N GLU A 127 -31.84 7.07 8.21
CA GLU A 127 -31.01 6.28 7.31
C GLU A 127 -30.01 5.42 8.09
N ASP A 128 -29.44 5.96 9.16
CA ASP A 128 -28.45 5.23 9.95
C ASP A 128 -29.06 4.11 10.79
N LEU A 129 -30.38 4.03 10.87
CA LEU A 129 -31.01 2.98 11.66
C LEU A 129 -30.74 1.59 11.09
N LYS A 130 -30.36 1.49 9.83
CA LYS A 130 -30.03 0.19 9.25
C LYS A 130 -28.83 -0.43 9.94
N MET A 131 -27.81 0.39 10.24
CA MET A 131 -26.63 -0.12 10.93
C MET A 131 -27.00 -0.62 12.33
N ALA A 132 -27.86 0.11 13.04
CA ALA A 132 -28.30 -0.33 14.36
C ALA A 132 -29.10 -1.63 14.27
N GLU A 133 -29.95 -1.74 13.26
CA GLU A 133 -30.72 -2.97 13.07
C GLU A 133 -29.81 -4.16 12.79
N ILE A 134 -28.78 -3.95 11.95
CA ILE A 134 -27.82 -5.01 11.67
C ILE A 134 -27.05 -5.39 12.93
N TYR A 135 -26.69 -4.39 13.74
CA TYR A 135 -25.95 -4.66 14.97
C TYR A 135 -26.75 -5.53 15.93
N LYS A 136 -28.07 -5.27 16.02
CA LYS A 136 -28.90 -6.03 16.95
C LYS A 136 -28.97 -7.51 16.57
N GLN A 137 -29.02 -7.80 15.28
CA GLN A 137 -29.08 -9.19 14.83
C GLN A 137 -27.80 -9.97 15.14
N VAL A 138 -26.70 -9.27 15.42
CA VAL A 138 -25.43 -9.91 15.70
C VAL A 138 -25.02 -9.75 17.15
N TYR A 139 -25.29 -8.60 17.76
CA TYR A 139 -24.88 -8.32 19.14
C TYR A 139 -26.05 -7.72 19.90
N ASN A 140 -26.63 -8.52 20.80
CA ASN A 140 -27.62 -8.13 21.80
C ASN A 140 -28.76 -7.28 21.25
N ASP A 141 -29.42 -6.53 22.12
CA ASP A 141 -30.56 -5.70 21.77
C ASP A 141 -30.40 -4.26 22.25
N ASN A 142 -29.78 -4.06 23.41
CA ASN A 142 -29.70 -2.73 24.02
C ASN A 142 -28.90 -1.76 23.16
N VAL A 143 -29.58 -0.81 22.55
CA VAL A 143 -28.96 0.25 21.75
C VAL A 143 -29.45 1.58 22.29
N LYS A 144 -28.52 2.50 22.57
CA LYS A 144 -28.85 3.80 23.11
C LYS A 144 -28.58 4.89 22.08
N LYS A 145 -29.46 5.89 22.04
CA LYS A 145 -29.36 7.01 21.10
C LYS A 145 -29.44 8.31 21.89
N PRO A 146 -28.34 8.71 22.52
CA PRO A 146 -28.33 9.99 23.24
C PRO A 146 -28.49 11.18 22.31
N GLY A 147 -29.13 12.22 22.82
CA GLY A 147 -29.36 13.43 22.06
C GLY A 147 -28.24 14.45 22.11
N VAL A 148 -27.12 14.13 22.74
CA VAL A 148 -25.99 15.04 22.87
C VAL A 148 -24.71 14.30 22.50
N VAL A 149 -23.67 15.08 22.21
CA VAL A 149 -22.36 14.56 21.86
C VAL A 149 -21.42 14.79 23.03
N LEU A 150 -20.69 13.74 23.42
CA LEU A 150 -19.79 13.84 24.56
C LEU A 150 -18.66 14.84 24.29
N CYS A 151 -18.29 15.03 23.03
CA CYS A 151 -17.25 16.00 22.69
C CYS A 151 -17.70 17.43 22.95
N GLU A 152 -18.98 17.72 22.74
CA GLU A 152 -19.52 19.06 22.92
C GLU A 152 -20.33 19.20 24.20
N SER A 153 -20.15 18.30 25.15
CA SER A 153 -20.88 18.32 26.41
C SER A 153 -19.97 18.79 27.54
N GLU A 154 -20.58 19.39 28.57
CA GLU A 154 -19.81 19.84 29.73
C GLU A 154 -19.15 18.68 30.45
N ASN A 155 -19.88 17.57 30.62
CA ASN A 155 -19.36 16.38 31.25
C ASN A 155 -19.07 15.34 30.17
N LYS A 156 -17.79 15.03 29.98
CA LYS A 156 -17.36 14.09 28.96
C LYS A 156 -17.25 12.66 29.46
N ASN A 157 -17.59 12.42 30.73
CA ASN A 157 -17.53 11.07 31.27
C ASN A 157 -18.59 10.17 30.63
N GLY A 158 -18.25 8.89 30.49
CA GLY A 158 -19.16 7.94 29.89
C GLY A 158 -20.31 7.50 30.77
N SER A 159 -20.28 7.87 32.06
CA SER A 159 -21.37 7.49 32.96
C SER A 159 -22.66 8.23 32.64
N THR A 160 -22.59 9.38 31.96
CA THR A 160 -23.80 10.12 31.62
C THR A 160 -24.67 9.35 30.64
N ILE A 161 -24.06 8.68 29.67
CA ILE A 161 -24.82 7.97 28.64
C ILE A 161 -24.86 6.46 28.86
N ASP A 162 -24.00 5.92 29.72
CA ASP A 162 -23.96 4.49 29.98
C ASP A 162 -23.93 4.23 31.48
N SER A 163 -24.60 3.15 31.90
CA SER A 163 -24.64 2.76 33.30
C SER A 163 -24.16 1.35 33.56
N ASP A 164 -24.08 0.49 32.55
CA ASP A 164 -23.63 -0.89 32.71
C ASP A 164 -22.50 -1.16 31.73
N VAL A 165 -21.41 -1.73 32.24
CA VAL A 165 -20.25 -2.05 31.39
C VAL A 165 -20.23 -3.51 30.96
N SER A 166 -20.96 -4.40 31.64
CA SER A 166 -20.97 -5.81 31.26
C SER A 166 -21.58 -6.01 29.88
N LYS A 167 -22.69 -5.34 29.60
CA LYS A 167 -23.40 -5.52 28.34
C LYS A 167 -22.77 -4.67 27.24
N ASN A 168 -22.75 -5.21 26.03
CA ASN A 168 -22.28 -4.45 24.87
C ASN A 168 -23.24 -3.31 24.58
N ILE A 169 -22.69 -2.17 24.19
CA ILE A 169 -23.46 -0.94 24.01
C ILE A 169 -23.20 -0.38 22.62
N CYS A 170 -24.25 0.14 21.99
CA CYS A 170 -24.15 0.84 20.72
C CYS A 170 -24.71 2.23 20.90
N ILE A 171 -23.96 3.24 20.46
CA ILE A 171 -24.30 4.64 20.67
C ILE A 171 -24.57 5.29 19.33
N LEU A 172 -25.74 5.90 19.19
CA LEU A 172 -26.11 6.67 18.01
C LEU A 172 -26.11 8.15 18.38
N GLN A 173 -25.29 8.93 17.68
CA GLN A 173 -25.08 10.33 17.97
C GLN A 173 -25.22 11.14 16.69
N PRO A 174 -25.49 12.44 16.79
CA PRO A 174 -25.55 13.27 15.58
C PRO A 174 -24.23 13.24 14.82
N HIS A 175 -24.35 13.31 13.50
CA HIS A 175 -23.18 13.17 12.62
C HIS A 175 -22.24 14.35 12.83
N ARG A 176 -21.08 14.08 13.41
CA ARG A 176 -20.04 15.08 13.61
C ARG A 176 -18.75 14.73 12.89
N GLY A 177 -18.29 13.50 13.02
CA GLY A 177 -17.07 13.07 12.36
C GLY A 177 -16.56 11.79 12.95
N LYS A 178 -15.54 11.23 12.28
CA LYS A 178 -14.92 10.00 12.76
C LYS A 178 -14.18 10.23 14.07
N ARG A 179 -13.53 11.38 14.21
CA ARG A 179 -12.80 11.69 15.44
C ARG A 179 -13.75 11.78 16.63
N GLU A 180 -14.91 12.40 16.43
CA GLU A 180 -15.90 12.50 17.51
C GLU A 180 -16.43 11.13 17.90
N SER A 181 -16.65 10.25 16.91
CA SER A 181 -17.14 8.90 17.20
C SER A 181 -16.11 8.11 17.99
N LEU A 182 -14.83 8.26 17.64
CA LEU A 182 -13.78 7.53 18.36
C LEU A 182 -13.64 8.03 19.80
N TYR A 183 -13.88 9.32 20.03
CA TYR A 183 -13.80 9.85 21.39
C TYR A 183 -14.84 9.21 22.31
N THR A 184 -16.05 9.01 21.78
CA THR A 184 -17.09 8.35 22.58
C THR A 184 -16.69 6.92 22.93
N GLY A 185 -16.14 6.19 21.97
CA GLY A 185 -15.67 4.85 22.25
C GLY A 185 -14.55 4.82 23.27
N PHE A 186 -13.61 5.76 23.16
CA PHE A 186 -12.53 5.85 24.14
C PHE A 186 -13.06 6.14 25.54
N GLN A 187 -14.03 7.05 25.64
CA GLN A 187 -14.63 7.36 26.93
C GLN A 187 -15.37 6.16 27.51
N LEU A 188 -16.11 5.44 26.66
CA LEU A 188 -16.84 4.26 27.12
C LEU A 188 -15.89 3.17 27.59
N ALA A 189 -14.78 2.96 26.87
CA ALA A 189 -13.81 1.95 27.26
C ALA A 189 -13.12 2.29 28.56
N SER A 190 -12.87 3.58 28.81
CA SER A 190 -12.17 4.00 30.02
C SER A 190 -13.00 3.87 31.28
N MET A 191 -14.31 3.61 31.15
CA MET A 191 -15.16 3.47 32.34
C MET A 191 -14.74 2.26 33.18
N ASP A 192 -14.42 1.15 32.53
CA ASP A 192 -14.03 -0.06 33.25
C ASP A 192 -12.56 0.01 33.63
N PRO A 193 -12.22 0.01 34.93
CA PRO A 193 -10.80 0.02 35.31
C PRO A 193 -10.05 -1.22 34.85
N SER A 194 -10.74 -2.36 34.69
CA SER A 194 -10.08 -3.59 34.29
C SER A 194 -9.54 -3.54 32.87
N VAL A 195 -10.05 -2.63 32.03
CA VAL A 195 -9.58 -2.53 30.66
C VAL A 195 -8.17 -1.95 30.64
N HIS A 196 -7.25 -2.65 29.98
CA HIS A 196 -5.87 -2.22 29.89
C HIS A 196 -5.46 -1.74 28.50
N ALA A 197 -6.18 -2.14 27.46
CA ALA A 197 -5.87 -1.72 26.10
C ALA A 197 -7.14 -1.72 25.27
N VAL A 198 -7.08 -1.00 24.15
CA VAL A 198 -8.21 -0.89 23.23
C VAL A 198 -7.73 -1.22 21.82
N VAL A 199 -8.66 -1.71 21.00
CA VAL A 199 -8.39 -2.06 19.61
C VAL A 199 -9.42 -1.37 18.74
N LEU A 200 -8.95 -0.64 17.72
CA LEU A 200 -9.81 0.10 16.82
C LEU A 200 -9.98 -0.69 15.53
N ILE A 201 -11.22 -0.98 15.16
CA ILE A 201 -11.55 -1.75 13.97
C ILE A 201 -12.56 -0.95 13.16
N ASP A 202 -12.30 -0.83 11.85
CA ASP A 202 -13.24 -0.15 10.97
C ASP A 202 -14.51 -0.97 10.79
N SER A 203 -15.57 -0.31 10.36
CA SER A 203 -16.87 -0.96 10.19
C SER A 203 -16.89 -1.95 9.04
N ASP A 204 -15.90 -1.93 8.16
CA ASP A 204 -15.85 -2.84 7.01
C ASP A 204 -14.52 -3.59 7.00
N THR A 205 -14.10 -4.08 8.16
CA THR A 205 -12.83 -4.80 8.30
C THR A 205 -13.12 -6.23 8.71
N VAL A 206 -12.53 -7.19 7.99
CA VAL A 206 -12.65 -8.60 8.29
C VAL A 206 -11.40 -9.04 9.04
N LEU A 207 -11.58 -9.58 10.25
CA LEU A 207 -10.48 -9.97 11.11
C LEU A 207 -10.36 -11.49 11.16
N GLU A 208 -9.13 -11.95 11.36
CA GLU A 208 -8.87 -13.37 11.52
C GLU A 208 -9.13 -13.80 12.97
N LYS A 209 -9.01 -15.11 13.22
CA LYS A 209 -9.25 -15.63 14.56
C LYS A 209 -8.21 -15.12 15.56
N ASN A 210 -6.95 -15.03 15.14
CA ASN A 210 -5.86 -14.62 16.00
C ASN A 210 -5.44 -13.17 15.78
N ALA A 211 -6.26 -12.39 15.07
CA ALA A 211 -5.89 -11.00 14.79
C ALA A 211 -5.79 -10.17 16.07
N ILE A 212 -6.73 -10.37 17.00
CA ILE A 212 -6.74 -9.58 18.23
C ILE A 212 -5.54 -9.93 19.10
N LEU A 213 -5.20 -11.22 19.19
CA LEU A 213 -4.08 -11.62 20.02
C LEU A 213 -2.76 -11.05 19.51
N GLU A 214 -2.58 -11.04 18.19
CA GLU A 214 -1.32 -10.58 17.60
C GLU A 214 -1.11 -9.08 17.75
N VAL A 215 -2.18 -8.30 17.90
CA VAL A 215 -2.03 -6.85 18.06
C VAL A 215 -1.98 -6.43 19.52
N VAL A 216 -2.20 -7.34 20.46
CA VAL A 216 -2.12 -7.02 21.88
C VAL A 216 -0.96 -7.70 22.58
N TYR A 217 -0.42 -8.79 22.03
CA TYR A 217 0.74 -9.43 22.64
C TYR A 217 1.97 -8.52 22.70
N PRO A 218 2.34 -7.79 21.65
CA PRO A 218 3.53 -6.92 21.75
C PRO A 218 3.41 -5.82 22.78
N LEU A 219 2.18 -5.47 23.19
CA LEU A 219 2.01 -4.41 24.19
C LEU A 219 2.66 -4.79 25.52
N SER A 220 2.49 -6.04 25.94
CA SER A 220 3.08 -6.50 27.20
C SER A 220 4.54 -6.89 27.07
N CYS A 221 5.07 -6.98 25.85
CA CYS A 221 6.48 -7.37 25.68
C CYS A 221 7.42 -6.31 26.26
N ASP A 222 7.13 -5.03 26.02
CA ASP A 222 7.96 -3.95 26.51
C ASP A 222 7.09 -2.87 27.14
N PRO A 223 7.50 -2.34 28.30
CA PRO A 223 6.70 -1.28 28.94
C PRO A 223 6.55 -0.03 28.09
N ASN A 224 7.55 0.30 27.28
CA ASN A 224 7.51 1.51 26.46
C ASN A 224 6.60 1.38 25.25
N ILE A 225 6.11 0.19 24.94
CA ILE A 225 5.23 -0.01 23.79
C ILE A 225 3.82 0.39 24.21
N LYS A 226 3.21 1.30 23.44
CA LYS A 226 1.87 1.77 23.73
C LYS A 226 0.89 1.62 22.57
N ALA A 227 1.39 1.53 21.33
CA ALA A 227 0.54 1.38 20.16
C ALA A 227 1.08 0.25 19.28
N VAL A 228 0.16 -0.54 18.72
CA VAL A 228 0.50 -1.65 17.85
C VAL A 228 -0.32 -1.54 16.58
N ALA A 229 0.33 -1.69 15.43
CA ALA A 229 -0.31 -1.63 14.14
C ALA A 229 -0.33 -3.01 13.50
N GLY A 230 -1.43 -3.33 12.82
CA GLY A 230 -1.61 -4.62 12.17
C GLY A 230 -1.61 -4.47 10.66
N GLU A 231 -1.20 -5.54 9.98
CA GLU A 231 -1.14 -5.53 8.53
C GLU A 231 -2.55 -5.55 7.94
N CYS A 232 -2.76 -4.71 6.92
CA CYS A 232 -4.02 -4.62 6.22
C CYS A 232 -3.85 -5.09 4.78
N LYS A 233 -4.72 -6.00 4.34
CA LYS A 233 -4.68 -6.54 3.00
C LYS A 233 -6.01 -6.30 2.30
N ILE A 234 -5.95 -5.90 1.03
CA ILE A 234 -7.14 -5.63 0.25
C ILE A 234 -7.68 -6.95 -0.29
N TRP A 235 -8.97 -7.20 -0.05
CA TRP A 235 -9.59 -8.45 -0.48
C TRP A 235 -10.17 -8.38 -1.88
N ASN A 236 -10.66 -7.22 -2.31
CA ASN A 236 -11.26 -7.07 -3.64
C ASN A 236 -10.18 -6.70 -4.64
N THR A 237 -9.98 -7.56 -5.64
CA THR A 237 -8.99 -7.33 -6.69
C THR A 237 -9.59 -7.66 -8.05
N ASP A 238 -10.82 -7.22 -8.29
CA ASP A 238 -11.52 -7.50 -9.55
C ASP A 238 -11.22 -6.50 -10.64
N THR A 239 -10.43 -5.46 -10.35
CA THR A 239 -10.06 -4.45 -11.34
C THR A 239 -8.56 -4.25 -11.33
N ILE A 240 -8.04 -3.65 -12.40
CA ILE A 240 -6.61 -3.40 -12.51
C ILE A 240 -6.17 -2.41 -11.43
N LEU A 241 -7.02 -1.43 -11.10
CA LEU A 241 -6.69 -0.49 -10.04
C LEU A 241 -6.65 -1.19 -8.68
N SER A 242 -7.58 -2.09 -8.43
CA SER A 242 -7.64 -2.78 -7.14
C SER A 242 -6.40 -3.62 -6.91
N MET A 243 -5.92 -4.31 -7.95
CA MET A 243 -4.71 -5.13 -7.81
C MET A 243 -3.51 -4.27 -7.46
N LEU A 244 -3.36 -3.14 -8.15
CA LEU A 244 -2.23 -2.24 -7.87
C LEU A 244 -2.32 -1.67 -6.47
N VAL A 245 -3.51 -1.27 -6.03
CA VAL A 245 -3.68 -0.75 -4.68
C VAL A 245 -3.35 -1.81 -3.64
N SER A 246 -3.81 -3.04 -3.86
CA SER A 246 -3.54 -4.12 -2.92
C SER A 246 -2.05 -4.41 -2.83
N TRP A 247 -1.36 -4.45 -3.98
CA TRP A 247 0.07 -4.72 -3.95
C TRP A 247 0.85 -3.57 -3.32
N ARG A 248 0.44 -2.33 -3.57
CA ARG A 248 1.08 -1.19 -2.93
C ARG A 248 0.89 -1.24 -1.42
N TYR A 249 -0.32 -1.59 -0.97
CA TYR A 249 -0.58 -1.72 0.45
C TYR A 249 0.29 -2.81 1.07
N PHE A 250 0.37 -3.97 0.40
CA PHE A 250 1.17 -5.07 0.92
C PHE A 250 2.64 -4.68 1.01
N SER A 251 3.17 -4.04 -0.04
CA SER A 251 4.57 -3.62 -0.02
C SER A 251 4.83 -2.62 1.08
N ALA A 252 3.94 -1.62 1.23
CA ALA A 252 4.10 -0.64 2.28
C ALA A 252 4.13 -1.31 3.65
N PHE A 253 3.12 -2.13 3.95
CA PHE A 253 3.02 -2.76 5.26
C PHE A 253 4.21 -3.67 5.54
N ASN A 254 4.65 -4.44 4.55
CA ASN A 254 5.71 -5.41 4.77
C ASN A 254 7.11 -4.82 4.66
N VAL A 255 7.26 -3.58 4.20
CA VAL A 255 8.59 -2.99 4.09
C VAL A 255 8.73 -1.77 4.97
N GLU A 256 7.95 -0.72 4.69
CA GLU A 256 8.16 0.55 5.35
C GLU A 256 7.72 0.51 6.81
N ARG A 257 6.55 -0.08 7.08
CA ARG A 257 6.08 -0.20 8.45
C ARG A 257 6.97 -1.15 9.25
N GLY A 258 7.47 -2.21 8.63
CA GLY A 258 8.41 -3.08 9.32
C GLY A 258 9.71 -2.36 9.67
N ALA A 259 10.24 -1.57 8.73
CA ALA A 259 11.45 -0.81 9.00
C ALA A 259 11.22 0.20 10.12
N GLN A 260 10.06 0.85 10.12
CA GLN A 260 9.73 1.79 11.21
C GLN A 260 9.60 1.06 12.54
N SER A 261 8.98 -0.13 12.53
CA SER A 261 8.78 -0.88 13.76
C SER A 261 10.09 -1.41 14.30
N LEU A 262 11.09 -1.64 13.44
CA LEU A 262 12.40 -2.08 13.94
C LEU A 262 13.01 -1.04 14.87
N TRP A 263 12.91 0.24 14.50
CA TRP A 263 13.35 1.33 15.35
C TRP A 263 12.27 1.83 16.29
N LYS A 264 11.08 1.22 16.25
CA LYS A 264 9.96 1.58 17.12
C LYS A 264 9.56 3.04 16.92
N THR A 265 9.56 3.48 15.66
CA THR A 265 9.21 4.84 15.27
C THR A 265 8.18 4.82 14.16
N VAL A 266 7.12 4.02 14.35
CA VAL A 266 6.09 3.89 13.31
C VAL A 266 5.39 5.23 13.13
N GLN A 267 5.37 5.72 11.88
CA GLN A 267 4.80 7.02 11.56
C GLN A 267 3.28 7.01 11.54
N CYS A 268 2.66 5.92 11.08
CA CYS A 268 1.20 5.85 11.00
C CYS A 268 0.78 4.41 11.24
N VAL A 269 -0.14 4.22 12.18
CA VAL A 269 -0.63 2.89 12.49
C VAL A 269 -1.71 2.49 11.49
N GLY A 270 -2.01 1.20 11.46
CA GLY A 270 -3.06 0.70 10.57
C GLY A 270 -4.42 1.23 10.98
N GLY A 271 -5.14 1.79 10.01
CA GLY A 271 -6.46 2.31 10.25
C GLY A 271 -7.47 1.23 10.57
N PRO A 272 -7.71 0.33 9.61
CA PRO A 272 -8.66 -0.77 9.87
C PRO A 272 -8.30 -1.65 11.05
N LEU A 273 -7.01 -1.86 11.31
CA LEU A 273 -6.57 -2.71 12.40
C LEU A 273 -5.47 -1.99 13.18
N GLY A 274 -5.72 -1.78 14.48
CA GLY A 274 -4.75 -1.12 15.33
C GLY A 274 -5.07 -1.29 16.80
N ALA A 275 -4.08 -1.10 17.66
CA ALA A 275 -4.24 -1.25 19.11
C ALA A 275 -3.62 -0.06 19.83
N TYR A 276 -4.21 0.31 20.96
CA TYR A 276 -3.72 1.41 21.77
C TYR A 276 -3.86 1.06 23.24
N THR A 277 -3.03 1.69 24.06
CA THR A 277 -3.09 1.54 25.51
C THR A 277 -4.07 2.55 26.10
N ILE A 278 -4.78 2.11 27.15
CA ILE A 278 -5.86 2.94 27.68
C ILE A 278 -5.32 4.22 28.32
N ASP A 279 -4.18 4.14 29.01
CA ASP A 279 -3.68 5.30 29.73
C ASP A 279 -3.22 6.40 28.78
N ILE A 280 -2.49 6.04 27.72
CA ILE A 280 -2.01 7.05 26.79
C ILE A 280 -3.19 7.68 26.04
N ILE A 281 -4.21 6.89 25.71
CA ILE A 281 -5.40 7.43 25.06
C ILE A 281 -6.10 8.41 25.99
N ASN A 282 -6.27 8.04 27.26
CA ASN A 282 -6.89 8.94 28.22
C ASN A 282 -6.08 10.22 28.40
N GLU A 283 -4.76 10.12 28.27
CA GLU A 283 -3.91 11.30 28.44
C GLU A 283 -3.99 12.23 27.23
N ILE A 284 -4.01 11.67 26.02
CA ILE A 284 -3.87 12.48 24.81
C ILE A 284 -5.19 12.64 24.07
N LYS A 285 -6.32 12.24 24.67
CA LYS A 285 -7.60 12.44 24.00
C LYS A 285 -7.93 13.92 23.83
N ASP A 286 -7.64 14.73 24.84
CA ASP A 286 -7.96 16.16 24.75
C ASP A 286 -7.16 16.87 23.65
N PRO A 287 -5.83 16.72 23.55
CA PRO A 287 -5.14 17.36 22.41
C PRO A 287 -5.59 16.84 21.06
N TRP A 288 -5.94 15.56 20.97
CA TRP A 288 -6.42 15.01 19.71
C TRP A 288 -7.77 15.59 19.32
N ILE A 289 -8.66 15.77 20.29
CA ILE A 289 -9.99 16.34 20.01
C ILE A 289 -9.98 17.85 19.91
N THR A 290 -8.88 18.49 20.31
CA THR A 290 -8.80 19.95 20.23
C THR A 290 -7.65 20.36 19.31
N GLN A 291 -7.57 19.71 18.15
CA GLN A 291 -6.51 20.00 17.19
C GLN A 291 -6.79 21.30 16.45
N THR A 292 -5.82 22.20 16.43
CA THR A 292 -5.90 23.45 15.70
C THR A 292 -4.63 23.63 14.87
N PHE A 293 -4.79 23.89 13.58
CA PHE A 293 -3.65 24.08 12.70
C PHE A 293 -3.32 25.56 12.53
N LEU A 294 -4.26 26.36 12.03
CA LEU A 294 -4.12 27.80 11.94
C LEU A 294 -5.35 28.51 12.51
N GLY A 295 -5.97 27.91 13.53
CA GLY A 295 -7.17 28.45 14.15
C GLY A 295 -8.45 27.75 13.76
N ASN A 296 -8.41 26.88 12.75
CA ASN A 296 -9.58 26.14 12.31
C ASN A 296 -9.47 24.68 12.73
N LYS A 297 -10.61 24.07 13.03
CA LYS A 297 -10.65 22.68 13.45
C LYS A 297 -10.30 21.76 12.28
N CYS A 298 -9.54 20.72 12.60
CA CYS A 298 -9.14 19.72 11.61
C CYS A 298 -10.10 18.54 11.68
N THR A 299 -10.76 18.24 10.56
CA THR A 299 -11.74 17.16 10.49
C THR A 299 -11.14 15.85 10.00
N TYR A 300 -10.43 15.88 8.87
CA TYR A 300 -9.82 14.68 8.30
C TYR A 300 -8.45 14.46 8.95
N GLY A 301 -7.66 13.56 8.37
CA GLY A 301 -6.38 13.21 8.94
C GLY A 301 -6.44 12.25 10.10
N ASP A 302 -7.43 11.37 10.12
CA ASP A 302 -7.57 10.41 11.20
C ASP A 302 -6.44 9.40 11.18
N ASN A 303 -6.16 8.81 12.35
CA ASN A 303 -5.14 7.79 12.58
C ASN A 303 -3.72 8.32 12.40
N ARG A 304 -3.55 9.63 12.26
N ARG A 304 -3.54 9.63 12.25
CA ARG A 304 -2.23 10.23 12.11
CA ARG A 304 -2.23 10.24 12.11
C ARG A 304 -1.88 11.17 13.26
C ARG A 304 -1.89 11.16 13.26
N ARG A 305 -2.81 12.04 13.65
CA ARG A 305 -2.56 12.94 14.76
C ARG A 305 -2.40 12.18 16.07
N LEU A 306 -3.19 11.11 16.26
CA LEU A 306 -3.06 10.29 17.46
C LEU A 306 -1.68 9.63 17.51
N THR A 307 -1.21 9.10 16.38
CA THR A 307 0.11 8.48 16.34
C THR A 307 1.20 9.52 16.60
N ASN A 308 1.05 10.73 16.02
CA ASN A 308 2.03 11.78 16.28
C ASN A 308 2.05 12.16 17.75
N GLU A 309 0.87 12.26 18.38
CA GLU A 309 0.81 12.59 19.80
C GLU A 309 1.46 11.51 20.64
N VAL A 310 1.27 10.24 20.27
CA VAL A 310 1.97 9.15 20.95
C VAL A 310 3.47 9.31 20.79
N LEU A 311 3.91 9.70 19.59
CA LEU A 311 5.34 9.88 19.35
C LEU A 311 5.92 11.01 20.18
N MET A 312 5.15 12.09 20.38
CA MET A 312 5.65 13.23 21.16
C MET A 312 5.94 12.87 22.61
N ARG A 313 5.29 11.82 23.13
CA ARG A 313 5.53 11.40 24.50
C ARG A 313 6.74 10.49 24.66
N GLY A 314 7.42 10.16 23.56
CA GLY A 314 8.55 9.25 23.62
C GLY A 314 8.19 7.79 23.65
N LYS A 315 6.91 7.45 23.52
CA LYS A 315 6.49 6.06 23.53
C LYS A 315 6.90 5.36 22.25
N LYS A 316 6.93 4.03 22.31
CA LYS A 316 7.38 3.20 21.21
C LYS A 316 6.20 2.51 20.55
N ILE A 317 6.18 2.49 19.22
CA ILE A 317 5.13 1.85 18.44
C ILE A 317 5.74 0.72 17.64
N VAL A 318 5.14 -0.47 17.74
CA VAL A 318 5.65 -1.67 17.10
C VAL A 318 4.56 -2.24 16.21
N TYR A 319 4.89 -2.51 14.95
CA TYR A 319 3.98 -3.10 13.98
C TYR A 319 4.29 -4.59 13.83
N THR A 320 3.24 -5.40 13.79
CA THR A 320 3.38 -6.83 13.64
C THR A 320 2.77 -7.28 12.31
N PRO A 321 3.44 -8.16 11.56
CA PRO A 321 2.89 -8.61 10.28
C PRO A 321 1.99 -9.83 10.43
N PHE A 322 2.05 -10.48 11.60
CA PHE A 322 1.28 -11.70 11.83
C PHE A 322 -0.20 -11.44 12.00
N ALA A 323 -0.62 -10.18 12.15
CA ALA A 323 -2.03 -9.83 12.24
C ALA A 323 -2.48 -9.32 10.87
N VAL A 324 -3.52 -9.96 10.33
CA VAL A 324 -4.00 -9.67 8.97
C VAL A 324 -5.44 -9.17 9.08
N GLY A 325 -5.70 -8.02 8.48
CA GLY A 325 -7.05 -7.47 8.39
C GLY A 325 -7.42 -7.22 6.94
N TRP A 326 -8.65 -7.55 6.59
CA TRP A 326 -9.15 -7.43 5.23
C TRP A 326 -10.11 -6.26 5.12
N SER A 327 -9.87 -5.38 4.16
CA SER A 327 -10.71 -4.22 3.95
C SER A 327 -10.76 -3.90 2.46
N ASP A 328 -11.80 -3.16 2.07
CA ASP A 328 -12.00 -2.82 0.67
C ASP A 328 -11.14 -1.61 0.28
N SER A 329 -10.97 -1.44 -1.02
CA SER A 329 -10.22 -0.33 -1.59
C SER A 329 -11.02 0.33 -2.69
N PRO A 330 -10.82 1.63 -2.91
CA PRO A 330 -11.54 2.31 -4.00
C PRO A 330 -11.16 1.73 -5.36
N THR A 331 -12.14 1.69 -6.26
CA THR A 331 -11.94 1.17 -7.60
C THR A 331 -12.13 2.24 -8.68
N ASN A 332 -12.41 3.48 -8.32
CA ASN A 332 -12.61 4.56 -9.27
C ASN A 332 -11.49 5.58 -9.15
N VAL A 333 -11.04 6.08 -10.31
CA VAL A 333 -9.90 6.99 -10.34
C VAL A 333 -10.21 8.27 -9.59
N MET A 334 -11.42 8.81 -9.75
CA MET A 334 -11.77 10.08 -9.12
C MET A 334 -11.73 9.98 -7.60
N ARG A 335 -12.41 8.97 -7.04
CA ARG A 335 -12.42 8.82 -5.58
C ARG A 335 -11.05 8.43 -5.05
N TYR A 336 -10.30 7.63 -5.79
CA TYR A 336 -8.93 7.32 -5.37
C TYR A 336 -8.08 8.58 -5.31
N ILE A 337 -8.21 9.45 -6.31
CA ILE A 337 -7.45 10.70 -6.33
C ILE A 337 -7.86 11.59 -5.16
N VAL A 338 -9.16 11.65 -4.87
CA VAL A 338 -9.63 12.47 -3.75
C VAL A 338 -9.06 11.94 -2.44
N GLN A 339 -9.10 10.62 -2.25
CA GLN A 339 -8.57 10.02 -1.03
C GLN A 339 -7.07 10.27 -0.89
N GLN A 340 -6.33 10.13 -1.99
CA GLN A 340 -4.89 10.39 -1.94
C GLN A 340 -4.59 11.86 -1.67
N THR A 341 -5.40 12.77 -2.21
CA THR A 341 -5.21 14.19 -1.91
C THR A 341 -5.46 14.47 -0.43
N ARG A 342 -6.50 13.87 0.14
CA ARG A 342 -6.76 14.02 1.57
C ARG A 342 -5.61 13.47 2.41
N TRP A 343 -5.10 12.30 2.03
CA TRP A 343 -3.97 11.71 2.75
C TRP A 343 -2.72 12.58 2.63
N SER A 344 -2.49 13.15 1.44
CA SER A 344 -1.36 14.05 1.26
C SER A 344 -1.48 15.30 2.12
N LYS A 345 -2.70 15.86 2.21
CA LYS A 345 -2.91 17.02 3.08
C LYS A 345 -2.62 16.66 4.54
N SER A 346 -3.11 15.50 4.98
CA SER A 346 -2.85 15.07 6.36
C SER A 346 -1.36 14.87 6.60
N TRP A 347 -0.66 14.25 5.65
CA TRP A 347 0.77 14.03 5.78
C TRP A 347 1.53 15.35 5.84
N CYS A 348 1.16 16.31 4.98
CA CYS A 348 1.83 17.61 4.99
C CYS A 348 1.60 18.33 6.31
N ARG A 349 0.38 18.24 6.86
CA ARG A 349 0.13 18.85 8.15
C ARG A 349 0.92 18.16 9.27
N GLU A 350 1.04 16.84 9.21
CA GLU A 350 1.60 16.08 10.33
C GLU A 350 3.12 16.02 10.35
N ILE A 351 3.79 16.13 9.19
CA ILE A 351 5.24 15.99 9.17
C ILE A 351 5.93 17.12 9.94
N TRP A 352 5.31 18.30 10.00
CA TRP A 352 5.92 19.39 10.76
C TRP A 352 6.06 19.00 12.24
N TYR A 353 4.97 18.56 12.85
CA TYR A 353 5.02 18.11 14.24
C TYR A 353 5.87 16.86 14.39
N THR A 354 5.87 15.97 13.39
CA THR A 354 6.69 14.77 13.45
C THR A 354 8.17 15.14 13.54
N LEU A 355 8.62 16.06 12.68
CA LEU A 355 10.01 16.52 12.73
C LEU A 355 10.30 17.28 14.01
N GLY A 356 9.34 18.08 14.48
CA GLY A 356 9.55 18.81 15.72
C GLY A 356 9.59 17.95 16.97
N SER A 357 9.02 16.75 16.90
CA SER A 357 9.00 15.85 18.06
C SER A 357 9.95 14.66 17.92
N ALA A 358 10.56 14.45 16.75
CA ALA A 358 11.45 13.31 16.59
C ALA A 358 12.69 13.40 17.48
N TRP A 359 13.09 14.60 17.91
CA TRP A 359 14.27 14.73 18.73
C TRP A 359 14.08 14.18 20.14
N LYS A 360 12.84 14.03 20.59
CA LYS A 360 12.57 13.56 21.95
C LYS A 360 12.91 12.09 22.15
N HIS A 361 13.19 11.35 21.08
CA HIS A 361 13.52 9.93 21.18
C HIS A 361 15.02 9.68 21.33
N GLY A 362 15.83 10.73 21.45
CA GLY A 362 17.26 10.54 21.58
C GLY A 362 17.85 10.02 20.28
N PHE A 363 18.60 8.92 20.38
CA PHE A 363 19.16 8.31 19.18
C PHE A 363 18.08 7.80 18.24
N SER A 364 16.94 7.37 18.79
CA SER A 364 15.81 7.00 17.96
C SER A 364 15.18 8.24 17.33
N GLY A 365 14.43 8.02 16.25
CA GLY A 365 13.82 9.09 15.50
C GLY A 365 14.69 9.65 14.39
N ILE A 366 15.99 9.36 14.42
CA ILE A 366 16.87 9.77 13.33
C ILE A 366 16.44 9.08 12.04
N TYR A 367 16.09 7.81 12.12
CA TYR A 367 15.61 7.09 10.93
C TYR A 367 14.29 7.67 10.43
N LEU A 368 13.41 8.07 11.35
CA LEU A 368 12.14 8.67 10.95
C LEU A 368 12.35 10.00 10.25
N ALA A 369 13.24 10.84 10.78
CA ALA A 369 13.56 12.09 10.12
C ALA A 369 14.21 11.85 8.76
N PHE A 370 15.08 10.85 8.67
CA PHE A 370 15.70 10.51 7.41
C PHE A 370 14.66 10.04 6.39
N GLU A 371 13.66 9.29 6.85
CA GLU A 371 12.61 8.84 5.95
C GLU A 371 11.76 10.01 5.46
N CYS A 372 11.44 10.95 6.35
CA CYS A 372 10.69 12.13 5.93
C CYS A 372 11.48 12.94 4.91
N MET A 373 12.78 13.15 5.16
CA MET A 373 13.62 13.84 4.21
C MET A 373 13.72 13.07 2.89
N TYR A 374 13.76 11.75 2.97
CA TYR A 374 13.76 10.91 1.78
C TYR A 374 12.52 11.17 0.95
N GLN A 375 11.35 11.18 1.59
CA GLN A 375 10.10 11.40 0.86
C GLN A 375 10.08 12.77 0.20
N ILE A 376 10.47 13.80 0.95
CA ILE A 376 10.41 15.16 0.41
C ILE A 376 11.39 15.30 -0.76
N MET A 377 12.64 14.87 -0.56
CA MET A 377 13.65 14.98 -1.61
C MET A 377 13.29 14.11 -2.81
N TYR A 378 12.67 12.95 -2.57
CA TYR A 378 12.27 12.09 -3.68
C TYR A 378 11.18 12.75 -4.52
N PHE A 379 10.19 13.36 -3.87
CA PHE A 379 9.15 14.07 -4.62
C PHE A 379 9.76 15.21 -5.43
N PHE A 380 10.62 16.02 -4.79
CA PHE A 380 11.23 17.15 -5.49
C PHE A 380 12.10 16.68 -6.64
N LEU A 381 12.86 15.61 -6.43
CA LEU A 381 13.74 15.09 -7.47
C LEU A 381 12.94 14.53 -8.65
N VAL A 382 11.82 13.85 -8.35
CA VAL A 382 10.97 13.34 -9.41
C VAL A 382 10.42 14.48 -10.24
N MET A 383 9.95 15.54 -9.58
CA MET A 383 9.44 16.70 -10.32
C MET A 383 10.55 17.34 -11.16
N TYR A 384 11.75 17.47 -10.60
CA TYR A 384 12.85 18.09 -11.33
C TYR A 384 13.24 17.27 -12.57
N LEU A 385 13.34 15.95 -12.42
CA LEU A 385 13.64 15.11 -13.58
C LEU A 385 12.52 15.14 -14.61
N PHE A 386 11.26 15.18 -14.17
CA PHE A 386 10.17 15.28 -15.14
C PHE A 386 10.26 16.58 -15.93
N SER A 387 10.53 17.70 -15.25
CA SER A 387 10.68 18.96 -15.93
C SER A 387 11.86 18.95 -16.89
N TYR A 388 12.99 18.37 -16.46
CA TYR A 388 14.17 18.32 -17.32
C TYR A 388 13.91 17.47 -18.55
N ILE A 389 13.22 16.34 -18.38
CA ILE A 389 12.87 15.49 -19.52
C ILE A 389 11.95 16.24 -20.47
N ALA A 390 10.96 16.95 -19.94
CA ALA A 390 10.03 17.69 -20.79
C ALA A 390 10.75 18.77 -21.58
N ILE A 391 11.65 19.51 -20.93
CA ILE A 391 12.32 20.62 -21.62
C ILE A 391 13.34 20.10 -22.63
N LYS A 392 14.21 19.18 -22.21
CA LYS A 392 15.29 18.73 -23.09
C LYS A 392 14.77 17.85 -24.22
N ALA A 393 13.90 16.89 -23.88
CA ALA A 393 13.32 15.96 -24.87
C ALA A 393 14.40 15.24 -25.67
N ASP A 394 15.47 14.82 -24.98
CA ASP A 394 16.54 14.05 -25.61
C ASP A 394 16.18 12.57 -25.56
N ILE A 395 16.05 11.94 -26.72
CA ILE A 395 15.50 10.59 -26.81
C ILE A 395 16.33 9.60 -25.99
N ARG A 396 17.63 9.84 -25.85
CA ARG A 396 18.45 8.96 -25.03
C ARG A 396 18.05 9.01 -23.56
N ALA A 397 17.58 10.17 -23.09
CA ALA A 397 17.24 10.32 -21.68
C ALA A 397 15.99 9.53 -21.31
N GLN A 398 14.93 9.65 -22.11
CA GLN A 398 13.69 8.95 -21.79
C GLN A 398 13.88 7.44 -21.86
N THR A 399 14.64 6.95 -22.83
CA THR A 399 14.88 5.52 -22.94
C THR A 399 15.59 4.99 -21.70
N ALA A 400 16.63 5.69 -21.26
CA ALA A 400 17.37 5.26 -20.07
C ALA A 400 16.49 5.33 -18.82
N THR A 401 15.69 6.39 -18.69
CA THR A 401 14.80 6.50 -17.54
C THR A 401 13.77 5.38 -17.52
N VAL A 402 13.20 5.06 -18.68
CA VAL A 402 12.23 3.97 -18.77
C VAL A 402 12.89 2.64 -18.42
N LEU A 403 14.11 2.41 -18.93
CA LEU A 403 14.79 1.15 -18.63
C LEU A 403 15.09 1.01 -17.14
N VAL A 404 15.59 2.07 -16.51
CA VAL A 404 15.92 1.96 -15.08
C VAL A 404 14.66 1.82 -14.25
N SER A 405 13.59 2.52 -14.62
CA SER A 405 12.33 2.36 -13.91
C SER A 405 11.80 0.94 -14.04
N THR A 406 11.90 0.36 -15.24
CA THR A 406 11.48 -1.01 -15.45
C THR A 406 12.30 -1.97 -14.61
N LEU A 407 13.62 -1.75 -14.53
CA LEU A 407 14.46 -2.61 -13.71
C LEU A 407 14.08 -2.52 -12.24
N VAL A 408 13.80 -1.31 -11.75
CA VAL A 408 13.38 -1.13 -10.36
C VAL A 408 12.07 -1.87 -10.12
N THR A 409 11.12 -1.74 -11.05
CA THR A 409 9.83 -2.41 -10.89
C THR A 409 9.99 -3.92 -10.88
N ILE A 410 10.84 -4.46 -11.75
CA ILE A 410 11.08 -5.90 -11.77
C ILE A 410 11.70 -6.36 -10.45
N ILE A 411 12.66 -5.59 -9.94
CA ILE A 411 13.30 -5.97 -8.67
C ILE A 411 12.28 -5.97 -7.54
N LYS A 412 11.45 -4.92 -7.48
CA LYS A 412 10.44 -4.84 -6.42
C LYS A 412 9.42 -5.96 -6.54
N SER A 413 8.98 -6.27 -7.77
CA SER A 413 8.02 -7.35 -7.96
C SER A 413 8.61 -8.70 -7.59
N SER A 414 9.89 -8.92 -7.92
CA SER A 414 10.55 -10.17 -7.52
C SER A 414 10.65 -10.28 -6.01
N TYR A 415 10.99 -9.18 -5.34
CA TYR A 415 11.05 -9.21 -3.87
C TYR A 415 9.68 -9.49 -3.27
N LEU A 416 8.63 -8.85 -3.81
CA LEU A 416 7.28 -9.08 -3.29
C LEU A 416 6.84 -10.53 -3.51
N ALA A 417 7.16 -11.08 -4.68
CA ALA A 417 6.82 -12.47 -4.96
C ALA A 417 7.55 -13.43 -4.03
N LEU A 418 8.84 -13.15 -3.77
CA LEU A 418 9.60 -14.00 -2.85
C LEU A 418 9.04 -13.90 -1.44
N ARG A 419 8.66 -12.71 -1.00
CA ARG A 419 8.16 -12.54 0.37
C ARG A 419 6.75 -13.12 0.51
N ALA A 420 5.88 -12.86 -0.45
CA ALA A 420 4.49 -13.30 -0.38
C ALA A 420 4.27 -14.72 -0.90
N LYS A 421 5.27 -15.32 -1.52
CA LYS A 421 5.17 -16.67 -2.08
C LYS A 421 4.03 -16.76 -3.10
N ASN A 422 3.84 -15.70 -3.88
CA ASN A 422 2.79 -15.64 -4.87
C ASN A 422 3.34 -15.02 -6.15
N LEU A 423 2.98 -15.60 -7.30
CA LEU A 423 3.45 -15.10 -8.58
C LEU A 423 2.67 -13.89 -9.07
N LYS A 424 1.56 -13.53 -8.42
CA LYS A 424 0.77 -12.38 -8.83
C LYS A 424 1.43 -11.05 -8.49
N ALA A 425 2.51 -11.06 -7.70
CA ALA A 425 3.18 -9.82 -7.31
C ALA A 425 3.87 -9.13 -8.48
N PHE A 426 4.02 -9.79 -9.62
CA PHE A 426 4.67 -9.18 -10.78
C PHE A 426 3.83 -8.07 -11.40
N TYR A 427 2.57 -7.93 -11.01
CA TYR A 427 1.72 -6.86 -11.53
C TYR A 427 2.09 -5.49 -11.00
N PHE A 428 2.99 -5.42 -10.01
CA PHE A 428 3.42 -4.14 -9.46
C PHE A 428 4.19 -3.29 -10.46
N VAL A 429 4.62 -3.88 -11.58
CA VAL A 429 5.32 -3.11 -12.60
C VAL A 429 4.39 -2.06 -13.23
N LEU A 430 3.09 -2.33 -13.24
CA LEU A 430 2.11 -1.40 -13.79
C LEU A 430 1.74 -0.28 -12.81
N TYR A 431 2.24 -0.34 -11.57
CA TYR A 431 1.92 0.71 -10.60
C TYR A 431 2.51 2.05 -10.98
N THR A 432 3.51 2.09 -11.87
CA THR A 432 4.12 3.36 -12.25
C THR A 432 3.12 4.28 -12.92
N TYR A 433 2.27 3.73 -13.80
CA TYR A 433 1.30 4.55 -14.51
C TYR A 433 0.32 5.21 -13.54
N VAL A 434 -0.26 4.41 -12.63
CA VAL A 434 -1.23 4.96 -11.69
C VAL A 434 -0.55 5.92 -10.73
N TYR A 435 0.70 5.63 -10.34
CA TYR A 435 1.45 6.57 -9.50
C TYR A 435 1.60 7.92 -10.20
N PHE A 436 2.09 7.90 -11.44
CA PHE A 436 2.33 9.14 -12.17
C PHE A 436 1.04 9.91 -12.40
N PHE A 437 -0.05 9.21 -12.70
CA PHE A 437 -1.30 9.87 -13.04
C PHE A 437 -2.16 10.22 -11.83
N CYS A 438 -1.83 9.74 -10.64
CA CYS A 438 -2.64 10.03 -9.46
C CYS A 438 -1.88 10.80 -8.38
N MET A 439 -0.71 10.31 -7.96
CA MET A 439 -0.06 10.86 -6.77
C MET A 439 0.40 12.29 -7.00
N ILE A 440 1.10 12.54 -8.12
CA ILE A 440 1.61 13.88 -8.40
C ILE A 440 0.49 14.91 -8.51
N PRO A 441 -0.59 14.67 -9.27
CA PRO A 441 -1.71 15.64 -9.24
C PRO A 441 -2.30 15.81 -7.85
N ALA A 442 -2.40 14.73 -7.08
CA ALA A 442 -2.89 14.83 -5.71
C ALA A 442 -1.93 15.66 -4.85
N ARG A 443 -0.62 15.46 -5.03
CA ARG A 443 0.35 16.25 -4.27
C ARG A 443 0.25 17.72 -4.62
N ILE A 444 0.12 18.04 -5.90
CA ILE A 444 0.00 19.44 -6.32
C ILE A 444 -1.27 20.06 -5.76
N THR A 445 -2.39 19.32 -5.81
CA THR A 445 -3.64 19.83 -5.25
C THR A 445 -3.51 20.06 -3.75
N ALA A 446 -2.88 19.14 -3.03
CA ALA A 446 -2.70 19.30 -1.60
C ALA A 446 -1.84 20.51 -1.27
N MET A 447 -0.76 20.70 -2.02
CA MET A 447 0.12 21.85 -1.76
C MET A 447 -0.57 23.16 -2.08
N PHE A 448 -1.30 23.22 -3.19
CA PHE A 448 -1.91 24.49 -3.60
C PHE A 448 -3.15 24.84 -2.77
N THR A 449 -3.95 23.85 -2.39
CA THR A 449 -5.17 24.11 -1.64
C THR A 449 -4.97 24.10 -0.12
N MET A 450 -3.74 23.89 0.35
CA MET A 450 -3.48 23.91 1.78
C MET A 450 -3.74 25.29 2.36
N PHE A 451 -3.32 26.34 1.66
CA PHE A 451 -3.49 27.72 2.11
C PHE A 451 -4.49 28.44 1.21
N ASP A 452 -5.02 29.54 1.74
CA ASP A 452 -5.99 30.38 1.02
C ASP A 452 -7.20 29.57 0.56
N ALA A 468 -21.08 28.06 -8.82
CA ALA A 468 -21.59 27.16 -7.78
C ALA A 468 -20.81 25.84 -7.77
N ARG A 469 -21.35 24.83 -8.45
CA ARG A 469 -20.70 23.53 -8.51
C ARG A 469 -19.42 23.57 -9.34
N VAL A 470 -19.29 24.54 -10.25
CA VAL A 470 -18.08 24.64 -11.07
C VAL A 470 -16.86 24.93 -10.20
N TRP A 471 -17.00 25.88 -9.28
CA TRP A 471 -15.89 26.20 -8.38
C TRP A 471 -15.54 25.03 -7.48
N LEU A 472 -16.56 24.34 -6.96
CA LEU A 472 -16.30 23.18 -6.10
C LEU A 472 -15.63 22.05 -6.88
N TRP A 473 -16.08 21.82 -8.12
CA TRP A 473 -15.47 20.78 -8.94
C TRP A 473 -14.06 21.15 -9.37
N ALA A 474 -13.76 22.45 -9.46
CA ALA A 474 -12.43 22.88 -9.89
C ALA A 474 -11.36 22.49 -8.89
N LYS A 475 -11.68 22.54 -7.60
CA LYS A 475 -10.69 22.26 -6.57
C LYS A 475 -10.31 20.78 -6.50
N GLN A 476 -11.01 19.91 -7.21
CA GLN A 476 -10.78 18.46 -7.12
C GLN A 476 -9.93 17.94 -8.27
N PHE A 477 -10.38 18.13 -9.52
CA PHE A 477 -9.78 17.46 -10.66
C PHE A 477 -9.27 18.40 -11.73
N LEU A 478 -9.43 19.71 -11.58
CA LEU A 478 -8.90 20.64 -12.58
C LEU A 478 -7.38 20.57 -12.63
N ILE A 479 -6.73 20.47 -11.47
CA ILE A 479 -5.28 20.35 -11.43
C ILE A 479 -4.83 19.06 -12.09
N THR A 480 -5.55 17.96 -11.84
CA THR A 480 -5.21 16.69 -12.48
C THR A 480 -5.36 16.78 -14.00
N TYR A 481 -6.43 17.43 -14.46
CA TYR A 481 -6.62 17.58 -15.91
C TYR A 481 -5.52 18.44 -16.52
N MET A 482 -5.12 19.51 -15.83
CA MET A 482 -4.02 20.34 -16.32
C MET A 482 -2.72 19.54 -16.37
N TRP A 483 -2.47 18.72 -15.36
CA TRP A 483 -1.27 17.88 -15.36
C TRP A 483 -1.29 16.89 -16.51
N TRP A 484 -2.44 16.26 -16.76
CA TRP A 484 -2.55 15.33 -17.88
C TRP A 484 -2.32 16.04 -19.21
N ALA A 485 -2.91 17.23 -19.37
CA ALA A 485 -2.72 17.99 -20.60
C ALA A 485 -1.25 18.37 -20.79
N GLY A 486 -0.59 18.78 -19.71
CA GLY A 486 0.83 19.11 -19.81
C GLY A 486 1.68 17.91 -20.18
N VAL A 487 1.38 16.75 -19.59
CA VAL A 487 2.11 15.54 -19.92
C VAL A 487 1.92 15.18 -21.38
N LEU A 488 0.68 15.26 -21.87
CA LEU A 488 0.42 14.96 -23.28
C LEU A 488 1.13 15.95 -24.20
N ALA A 489 1.12 17.23 -23.83
CA ALA A 489 1.82 18.23 -24.64
C ALA A 489 3.32 17.98 -24.68
N ALA A 490 3.91 17.63 -23.54
CA ALA A 490 5.34 17.31 -23.50
C ALA A 490 5.64 16.09 -24.36
N GLY A 491 4.78 15.06 -24.28
CA GLY A 491 5.01 13.87 -25.08
C GLY A 491 4.94 14.15 -26.58
N VAL A 492 3.91 14.88 -27.01
CA VAL A 492 3.78 15.17 -28.44
C VAL A 492 4.89 16.10 -28.90
N TYR A 493 5.33 17.03 -28.06
CA TYR A 493 6.47 17.88 -28.43
C TYR A 493 7.74 17.06 -28.58
N SER A 494 7.97 16.10 -27.67
CA SER A 494 9.14 15.24 -27.77
C SER A 494 9.09 14.38 -29.04
N ILE A 495 7.90 13.85 -29.37
CA ILE A 495 7.77 13.04 -30.58
C ILE A 495 8.01 13.89 -31.83
N VAL A 496 7.43 15.09 -31.88
CA VAL A 496 7.56 15.93 -33.06
C VAL A 496 8.99 16.44 -33.20
N ASP A 497 9.61 16.85 -32.11
CA ASP A 497 10.96 17.43 -32.19
C ASP A 497 11.98 16.41 -32.65
N ASN A 498 11.74 15.12 -32.41
CA ASN A 498 12.65 14.05 -32.79
C ASN A 498 12.08 13.20 -33.91
N TRP A 499 11.42 13.84 -34.88
CA TRP A 499 10.80 13.14 -36.01
C TRP A 499 11.85 12.89 -37.07
N TYR A 500 12.67 11.87 -36.84
CA TYR A 500 13.69 11.47 -37.79
C TYR A 500 14.04 10.01 -37.56
N PHE A 501 14.64 9.41 -38.58
CA PHE A 501 15.05 8.00 -38.55
C PHE A 501 16.48 7.88 -39.02
N ASP A 502 17.27 7.09 -38.29
CA ASP A 502 18.68 6.88 -38.64
C ASP A 502 19.10 5.51 -38.09
N TRP A 503 19.16 4.52 -38.97
CA TRP A 503 19.58 3.18 -38.57
C TRP A 503 21.09 3.03 -38.52
N ALA A 504 21.85 4.01 -39.00
CA ALA A 504 23.31 3.95 -38.95
C ALA A 504 23.87 4.36 -37.60
N ASP A 505 23.05 4.91 -36.71
CA ASP A 505 23.49 5.34 -35.40
C ASP A 505 23.07 4.31 -34.35
N ILE A 506 24.05 3.82 -33.59
CA ILE A 506 23.76 2.82 -32.56
C ILE A 506 22.91 3.41 -31.44
N GLN A 507 23.13 4.68 -31.09
CA GLN A 507 22.38 5.29 -30.01
C GLN A 507 20.90 5.39 -30.34
N TYR A 508 20.57 5.83 -31.56
CA TYR A 508 19.18 5.85 -31.99
C TYR A 508 18.62 4.44 -32.06
N ARG A 509 19.41 3.50 -32.57
CA ARG A 509 18.98 2.10 -32.61
C ARG A 509 18.75 1.57 -31.20
N PHE A 510 19.64 1.90 -30.26
CA PHE A 510 19.48 1.45 -28.88
C PHE A 510 18.20 2.02 -28.27
N ALA A 511 17.93 3.31 -28.48
CA ALA A 511 16.73 3.92 -27.94
C ALA A 511 15.48 3.29 -28.54
N LEU A 512 15.47 3.08 -29.85
CA LEU A 512 14.30 2.48 -30.49
C LEU A 512 14.07 1.06 -30.00
N VAL A 513 15.15 0.27 -29.87
CA VAL A 513 15.02 -1.10 -29.38
C VAL A 513 14.50 -1.09 -27.95
N GLY A 514 15.01 -0.18 -27.12
CA GLY A 514 14.56 -0.12 -25.74
C GLY A 514 13.10 0.24 -25.61
N ILE A 515 12.65 1.24 -26.37
CA ILE A 515 11.25 1.65 -26.29
C ILE A 515 10.34 0.56 -26.86
N CYS A 516 10.77 -0.09 -27.94
CA CYS A 516 9.96 -1.18 -28.49
C CYS A 516 9.85 -2.33 -27.50
N SER A 517 10.95 -2.67 -26.82
CA SER A 517 10.91 -3.73 -25.81
C SER A 517 10.02 -3.34 -24.65
N TYR A 518 10.06 -2.08 -24.23
CA TYR A 518 9.20 -1.63 -23.13
C TYR A 518 7.73 -1.74 -23.50
N LEU A 519 7.37 -1.29 -24.70
CA LEU A 519 5.98 -1.42 -25.14
C LEU A 519 5.56 -2.87 -25.26
N VAL A 520 6.45 -3.73 -25.77
CA VAL A 520 6.13 -5.15 -25.89
C VAL A 520 5.91 -5.77 -24.51
N PHE A 521 6.76 -5.43 -23.54
CA PHE A 521 6.61 -5.96 -22.20
C PHE A 521 5.31 -5.46 -21.55
N VAL A 522 4.98 -4.19 -21.75
CA VAL A 522 3.73 -3.66 -21.19
C VAL A 522 2.53 -4.36 -21.80
N SER A 523 2.56 -4.57 -23.12
CA SER A 523 1.47 -5.28 -23.79
C SER A 523 1.36 -6.71 -23.28
N ILE A 524 2.49 -7.38 -23.08
CA ILE A 524 2.46 -8.76 -22.58
C ILE A 524 1.86 -8.80 -21.18
N VAL A 525 2.25 -7.86 -20.31
CA VAL A 525 1.70 -7.83 -18.96
C VAL A 525 0.21 -7.57 -18.99
N LEU A 526 -0.24 -6.64 -19.83
CA LEU A 526 -1.67 -6.36 -19.93
C LEU A 526 -2.43 -7.57 -20.45
N VAL A 527 -1.87 -8.27 -21.44
CA VAL A 527 -2.53 -9.46 -21.98
C VAL A 527 -2.62 -10.55 -20.92
N ILE A 528 -1.55 -10.73 -20.14
CA ILE A 528 -1.56 -11.73 -19.06
C ILE A 528 -2.63 -11.37 -18.03
N TYR A 529 -2.72 -10.09 -17.65
CA TYR A 529 -3.74 -9.67 -16.70
C TYR A 529 -5.14 -9.90 -17.26
N LEU A 530 -5.35 -9.61 -18.54
CA LEU A 530 -6.66 -9.83 -19.15
C LEU A 530 -7.03 -11.31 -19.16
N ILE A 531 -6.05 -12.18 -19.46
CA ILE A 531 -6.31 -13.62 -19.43
C ILE A 531 -6.65 -14.07 -18.02
N GLY A 532 -5.91 -13.57 -17.03
CA GLY A 532 -6.19 -13.95 -15.65
C GLY A 532 -7.55 -13.46 -15.17
N LYS A 533 -7.96 -12.28 -15.63
CA LYS A 533 -9.26 -11.74 -15.23
C LYS A 533 -10.40 -12.62 -15.73
N ILE A 534 -10.32 -13.08 -16.99
CA ILE A 534 -11.34 -13.96 -17.53
C ILE A 534 -11.35 -15.29 -16.78
N THR A 535 -10.18 -15.85 -16.53
CA THR A 535 -10.08 -17.10 -15.76
C THR A 535 -10.42 -16.89 -14.28
N THR A 536 -10.46 -15.63 -13.84
CA THR A 536 -10.71 -15.26 -12.44
C THR A 536 -9.65 -15.83 -11.49
N TRP A 537 -8.45 -16.08 -12.01
CA TRP A 537 -7.36 -16.55 -11.16
C TRP A 537 -6.81 -15.43 -10.27
N ASN A 538 -6.93 -14.18 -10.73
CA ASN A 538 -6.43 -13.05 -9.96
C ASN A 538 -7.27 -12.72 -8.74
N TYR A 539 -8.47 -13.30 -8.64
CA TYR A 539 -9.33 -13.04 -7.48
C TYR A 539 -8.68 -13.60 -6.22
N THR A 540 -8.78 -12.84 -5.13
CA THR A 540 -8.22 -13.28 -3.86
C THR A 540 -9.02 -14.48 -3.35
N PRO A 541 -8.38 -15.37 -2.58
CA PRO A 541 -9.10 -16.54 -2.06
C PRO A 541 -10.30 -16.17 -1.19
N LEU A 542 -10.22 -15.06 -0.45
CA LEU A 542 -11.33 -14.66 0.40
C LEU A 542 -12.49 -14.10 -0.41
N GLN A 543 -12.21 -13.52 -1.58
CA GLN A 543 -13.26 -12.89 -2.38
C GLN A 543 -14.29 -13.90 -2.87
N LYS A 544 -13.89 -15.15 -3.08
CA LYS A 544 -14.80 -16.15 -3.63
C LYS A 544 -15.97 -16.40 -2.68
N GLU A 545 -15.70 -16.56 -1.38
CA GLU A 545 -16.78 -16.75 -0.43
C GLU A 545 -17.70 -15.54 -0.39
N LEU A 546 -17.12 -14.35 -0.19
CA LEU A 546 -17.92 -13.13 -0.11
C LEU A 546 -18.89 -13.04 -1.28
N ILE A 547 -18.43 -13.38 -2.49
CA ILE A 547 -19.31 -13.46 -3.64
C ILE A 547 -20.37 -14.55 -3.45
N GLU A 548 -19.96 -15.70 -2.91
CA GLU A 548 -20.88 -16.83 -2.80
C GLU A 548 -22.07 -16.52 -1.89
N GLU A 549 -21.79 -16.06 -0.66
CA GLU A 549 -22.91 -15.69 0.22
C GLU A 549 -23.42 -14.28 -0.01
N ARG A 550 -22.85 -13.50 -0.94
CA ARG A 550 -23.56 -12.33 -1.42
C ARG A 550 -24.64 -12.72 -2.43
N TYR A 551 -24.32 -13.68 -3.31
CA TYR A 551 -25.32 -14.21 -4.22
C TYR A 551 -26.40 -14.98 -3.47
N LEU A 552 -26.00 -15.77 -2.47
CA LEU A 552 -26.95 -16.52 -1.66
C LEU A 552 -27.44 -15.67 -0.48
N HIS A 553 -28.09 -14.57 -0.83
CA HIS A 553 -28.61 -13.64 0.16
C HIS A 553 -29.85 -12.92 -0.36
N GLN B 1 13.34 20.12 -46.61
CA GLN B 1 14.39 20.49 -47.55
C GLN B 1 15.31 21.56 -46.96
N VAL B 2 16.61 21.36 -47.08
CA VAL B 2 17.61 22.28 -46.57
C VAL B 2 18.58 22.62 -47.69
N GLN B 3 19.17 23.81 -47.61
CA GLN B 3 20.16 24.27 -48.58
C GLN B 3 21.54 24.27 -47.92
N LEU B 4 22.49 23.61 -48.57
CA LEU B 4 23.85 23.46 -48.05
C LEU B 4 24.79 24.38 -48.82
N VAL B 5 25.48 25.26 -48.09
CA VAL B 5 26.47 26.16 -48.66
C VAL B 5 27.74 26.05 -47.84
N GLU B 6 28.88 26.05 -48.52
CA GLU B 6 30.19 25.90 -47.89
C GLU B 6 30.94 27.23 -47.90
N SER B 7 32.03 27.26 -47.14
CA SER B 7 32.88 28.43 -47.05
C SER B 7 34.31 28.00 -46.76
N GLY B 8 35.25 28.87 -47.08
CA GLY B 8 36.65 28.59 -46.84
C GLY B 8 37.25 27.68 -47.91
N GLY B 9 38.49 27.28 -47.67
CA GLY B 9 39.20 26.41 -48.59
C GLY B 9 40.17 27.17 -49.47
N GLY B 10 41.46 26.85 -49.33
CA GLY B 10 42.48 27.51 -50.12
C GLY B 10 43.78 26.74 -50.09
N LEU B 11 44.79 27.29 -50.76
CA LEU B 11 46.09 26.65 -50.80
C LEU B 11 46.73 26.67 -49.42
N VAL B 12 47.35 25.54 -49.06
CA VAL B 12 48.02 25.40 -47.77
C VAL B 12 49.13 24.37 -47.92
N GLN B 13 50.23 24.60 -47.21
CA GLN B 13 51.35 23.68 -47.24
C GLN B 13 51.07 22.44 -46.38
N ALA B 14 51.92 21.43 -46.54
CA ALA B 14 51.77 20.21 -45.77
C ALA B 14 52.02 20.46 -44.29
N GLY B 15 51.20 19.84 -43.45
CA GLY B 15 51.32 19.99 -42.01
C GLY B 15 50.63 21.22 -41.44
N GLY B 16 49.95 22.01 -42.27
CA GLY B 16 49.28 23.20 -41.80
C GLY B 16 47.90 22.89 -41.22
N SER B 17 47.16 23.95 -40.96
CA SER B 17 45.81 23.86 -40.41
C SER B 17 44.85 24.63 -41.31
N LEU B 18 43.74 23.98 -41.67
CA LEU B 18 42.74 24.58 -42.53
C LEU B 18 41.36 24.19 -42.00
N LYS B 19 40.39 25.08 -42.19
CA LYS B 19 39.04 24.92 -41.67
C LYS B 19 38.04 25.02 -42.80
N VAL B 20 37.09 24.08 -42.84
CA VAL B 20 35.98 24.10 -43.79
C VAL B 20 34.69 24.03 -42.99
N SER B 21 33.69 24.83 -43.41
CA SER B 21 32.41 24.88 -42.73
C SER B 21 31.28 24.80 -43.74
N CYS B 22 30.17 24.18 -43.33
CA CYS B 22 28.99 24.06 -44.16
C CYS B 22 27.79 24.62 -43.40
N ALA B 23 27.03 25.49 -44.05
CA ALA B 23 25.88 26.14 -43.46
C ALA B 23 24.60 25.59 -44.06
N ALA B 24 23.66 25.21 -43.21
CA ALA B 24 22.39 24.64 -43.63
C ALA B 24 21.25 25.46 -43.04
N SER B 25 20.23 25.73 -43.86
CA SER B 25 19.05 26.46 -43.43
C SER B 25 17.82 25.58 -43.67
N GLY B 26 17.02 25.40 -42.63
CA GLY B 26 15.84 24.56 -42.75
C GLY B 26 15.00 24.62 -41.50
N ARG B 27 13.96 23.77 -41.49
CA ARG B 27 13.06 23.73 -40.34
C ARG B 27 13.77 23.25 -39.09
N ALA B 28 14.62 22.22 -39.21
CA ALA B 28 15.33 21.67 -38.06
C ALA B 28 16.64 21.06 -38.57
N PHE B 29 17.74 21.78 -38.37
CA PHE B 29 19.04 21.30 -38.83
C PHE B 29 19.52 20.11 -37.99
N LYS B 30 19.15 20.07 -36.71
CA LYS B 30 19.64 19.02 -35.82
C LYS B 30 19.11 17.64 -36.18
N THR B 31 18.07 17.56 -37.01
CA THR B 31 17.49 16.29 -37.41
C THR B 31 18.12 15.71 -38.67
N TYR B 32 19.12 16.39 -39.24
CA TYR B 32 19.76 15.95 -40.46
C TYR B 32 21.17 15.48 -40.16
N ARG B 33 21.54 14.31 -40.69
CA ARG B 33 22.88 13.78 -40.53
C ARG B 33 23.81 14.40 -41.58
N MET B 34 24.99 14.83 -41.15
CA MET B 34 25.95 15.51 -42.01
C MET B 34 27.14 14.59 -42.28
N ALA B 35 27.71 14.73 -43.48
CA ALA B 35 28.86 13.94 -43.88
C ALA B 35 29.71 14.74 -44.85
N TRP B 36 30.96 14.31 -45.01
CA TRP B 36 31.91 14.95 -45.90
C TRP B 36 32.45 13.92 -46.90
N PHE B 37 32.62 14.37 -48.14
CA PHE B 37 33.07 13.50 -49.22
C PHE B 37 34.20 14.19 -49.99
N ARG B 38 34.93 13.40 -50.76
CA ARG B 38 36.03 13.89 -51.59
C ARG B 38 35.87 13.36 -53.01
N GLN B 39 36.33 14.15 -53.96
CA GLN B 39 36.28 13.80 -55.39
C GLN B 39 37.67 14.05 -55.98
N ALA B 40 38.52 13.02 -55.94
CA ALA B 40 39.84 13.13 -56.52
C ALA B 40 39.75 13.17 -58.04
N PRO B 41 40.70 13.84 -58.71
CA PRO B 41 40.66 13.88 -60.19
C PRO B 41 40.82 12.52 -60.84
N GLY B 42 41.37 11.53 -60.14
CA GLY B 42 41.59 10.23 -60.73
C GLY B 42 40.53 9.20 -60.40
N LYS B 43 40.07 9.18 -59.15
CA LYS B 43 39.09 8.21 -58.69
C LYS B 43 37.73 8.88 -58.51
N GLU B 44 36.76 8.08 -58.10
CA GLU B 44 35.40 8.55 -57.91
C GLU B 44 35.23 9.10 -56.49
N ARG B 45 34.00 9.46 -56.13
CA ARG B 45 33.73 9.99 -54.80
C ARG B 45 33.89 8.91 -53.75
N GLU B 46 34.42 9.30 -52.59
CA GLU B 46 34.65 8.39 -51.48
C GLU B 46 34.25 9.06 -50.17
N PHE B 47 33.84 8.23 -49.21
CA PHE B 47 33.46 8.75 -47.90
C PHE B 47 34.70 9.17 -47.12
N VAL B 48 34.57 10.25 -46.35
CA VAL B 48 35.68 10.78 -45.57
C VAL B 48 35.31 10.79 -44.09
N SER B 49 34.27 11.55 -43.74
CA SER B 49 33.86 11.65 -42.36
C SER B 49 32.39 12.08 -42.31
N GLY B 50 31.77 11.87 -41.15
CA GLY B 50 30.39 12.25 -40.96
C GLY B 50 30.02 12.21 -39.50
N ILE B 51 28.99 13.00 -39.17
CA ILE B 51 28.49 13.10 -37.80
C ILE B 51 26.98 12.90 -37.83
N SER B 52 26.49 12.08 -36.91
CA SER B 52 25.06 11.80 -36.83
C SER B 52 24.35 12.87 -36.02
N ALA B 53 23.02 12.74 -35.92
CA ALA B 53 22.22 13.72 -35.19
C ALA B 53 22.42 13.62 -33.68
N LEU B 54 22.90 12.48 -33.18
CA LEU B 54 23.10 12.26 -31.75
C LEU B 54 24.55 12.48 -31.33
N GLU B 55 25.25 13.40 -31.99
CA GLU B 55 26.63 13.74 -31.66
C GLU B 55 27.55 12.52 -31.73
N THR B 56 27.32 11.67 -32.73
CA THR B 56 28.16 10.51 -32.97
C THR B 56 29.04 10.78 -34.18
N THR B 57 30.35 10.60 -34.01
CA THR B 57 31.34 10.93 -35.04
C THR B 57 31.85 9.65 -35.69
N TYR B 58 31.82 9.62 -37.01
CA TYR B 58 32.32 8.50 -37.79
C TYR B 58 33.45 8.97 -38.70
N TYR B 59 34.56 8.23 -38.69
CA TYR B 59 35.72 8.57 -39.50
C TYR B 59 36.14 7.36 -40.33
N ALA B 60 36.52 7.64 -41.58
CA ALA B 60 36.95 6.57 -42.48
C ALA B 60 38.39 6.18 -42.17
N ASP B 61 38.92 5.25 -42.98
CA ASP B 61 40.28 4.79 -42.79
C ASP B 61 41.29 5.89 -43.11
N SER B 62 42.41 5.86 -42.40
CA SER B 62 43.55 6.77 -42.54
C SER B 62 43.23 8.20 -42.12
N VAL B 63 42.00 8.48 -41.68
CA VAL B 63 41.64 9.81 -41.22
C VAL B 63 40.98 9.71 -39.86
N LYS B 64 41.27 8.62 -39.14
CA LYS B 64 40.66 8.41 -37.83
C LYS B 64 41.12 9.47 -36.83
N GLY B 65 42.40 9.80 -36.84
CA GLY B 65 42.94 10.77 -35.89
C GLY B 65 43.40 12.06 -36.55
N ARG B 66 43.67 12.01 -37.85
CA ARG B 66 44.14 13.20 -38.55
C ARG B 66 43.03 14.22 -38.74
N PHE B 67 41.78 13.76 -38.85
CA PHE B 67 40.63 14.64 -39.08
C PHE B 67 39.70 14.60 -37.88
N THR B 68 39.22 15.78 -37.48
CA THR B 68 38.26 15.91 -36.38
C THR B 68 37.04 16.66 -36.89
N ILE B 69 35.85 16.11 -36.62
CA ILE B 69 34.60 16.68 -37.08
C ILE B 69 33.76 17.09 -35.88
N SER B 70 32.96 18.15 -36.07
CA SER B 70 32.07 18.64 -35.03
C SER B 70 30.95 19.44 -35.71
N ARG B 71 29.85 19.58 -34.99
CA ARG B 71 28.68 20.30 -35.49
C ARG B 71 28.18 21.26 -34.43
N ASP B 72 27.52 22.33 -34.90
CA ASP B 72 26.95 23.35 -34.03
C ASP B 72 25.46 23.43 -34.34
N ASN B 73 24.65 23.58 -33.28
CA ASN B 73 23.20 23.56 -33.41
C ASN B 73 22.58 24.95 -33.44
N THR B 74 23.10 25.89 -32.66
CA THR B 74 22.45 27.20 -32.56
C THR B 74 22.65 28.02 -33.82
N LYS B 75 23.79 27.89 -34.49
CA LYS B 75 24.00 28.55 -35.78
C LYS B 75 23.80 27.62 -36.97
N ASN B 76 23.42 26.36 -36.73
CA ASN B 76 23.15 25.40 -37.81
C ASN B 76 24.35 25.26 -38.75
N THR B 77 25.54 25.12 -38.16
CA THR B 77 26.77 25.02 -38.93
C THR B 77 27.55 23.79 -38.49
N VAL B 78 28.22 23.17 -39.46
CA VAL B 78 29.07 22.00 -39.21
C VAL B 78 30.45 22.28 -39.79
N SER B 79 31.48 21.93 -39.03
CA SER B 79 32.86 22.22 -39.41
C SER B 79 33.71 20.96 -39.33
N LEU B 80 34.75 20.92 -40.17
CA LEU B 80 35.69 19.81 -40.21
C LEU B 80 37.09 20.36 -40.00
N GLN B 81 37.82 19.82 -39.03
CA GLN B 81 39.17 20.26 -38.73
C GLN B 81 40.17 19.45 -39.53
N MET B 82 41.14 20.15 -40.12
CA MET B 82 42.18 19.53 -40.95
C MET B 82 43.51 19.62 -40.22
N ASP B 83 44.13 18.47 -39.97
CA ASP B 83 45.43 18.39 -39.31
C ASP B 83 46.33 17.46 -40.08
N SER B 84 47.62 17.81 -40.16
CA SER B 84 48.63 17.02 -40.86
C SER B 84 48.23 16.78 -42.31
N LEU B 85 48.14 17.86 -43.07
CA LEU B 85 47.71 17.78 -44.46
C LEU B 85 48.73 16.99 -45.28
N LYS B 86 48.21 16.25 -46.26
CA LYS B 86 48.97 15.38 -47.13
C LYS B 86 48.55 15.69 -48.57
N PRO B 87 49.50 15.76 -49.52
CA PRO B 87 49.11 16.10 -50.89
C PRO B 87 48.11 15.16 -51.53
N GLU B 88 48.03 13.91 -51.06
CA GLU B 88 47.04 12.98 -51.59
C GLU B 88 45.61 13.35 -51.22
N ASP B 89 45.42 14.29 -50.29
CA ASP B 89 44.09 14.78 -49.96
C ASP B 89 43.66 15.98 -50.79
N THR B 90 44.47 16.38 -51.78
CA THR B 90 44.14 17.53 -52.63
C THR B 90 42.94 17.14 -53.51
N ALA B 91 41.77 17.63 -53.14
CA ALA B 91 40.54 17.33 -53.86
C ALA B 91 39.48 18.36 -53.47
N VAL B 92 38.25 18.12 -53.90
CA VAL B 92 37.12 19.01 -53.60
C VAL B 92 36.21 18.30 -52.59
N TYR B 93 35.75 19.06 -51.61
CA TYR B 93 34.94 18.53 -50.51
C TYR B 93 33.49 18.99 -50.68
N TYR B 94 32.56 18.04 -50.57
CA TYR B 94 31.14 18.32 -50.65
C TYR B 94 30.48 18.14 -49.29
N CYS B 95 29.49 18.98 -49.01
CA CYS B 95 28.69 18.87 -47.79
C CYS B 95 27.36 18.21 -48.12
N ALA B 96 27.01 17.18 -47.35
CA ALA B 96 25.80 16.41 -47.60
C ALA B 96 24.96 16.33 -46.33
N ALA B 97 23.64 16.26 -46.53
CA ALA B 97 22.69 16.17 -45.43
C ALA B 97 21.70 15.05 -45.70
N ARG B 98 21.26 14.41 -44.62
CA ARG B 98 20.31 13.30 -44.73
C ARG B 98 19.49 13.23 -43.45
N ARG B 99 18.17 13.10 -43.60
CA ARG B 99 17.26 12.99 -42.47
C ARG B 99 16.76 11.58 -42.25
N TYR B 100 16.48 10.84 -43.32
CA TYR B 100 16.04 9.46 -43.25
C TYR B 100 17.00 8.58 -44.05
N GLY B 101 17.41 7.47 -43.46
CA GLY B 101 18.33 6.57 -44.13
C GLY B 101 18.43 5.25 -43.39
N GLY B 102 19.05 4.28 -44.06
CA GLY B 102 19.23 2.95 -43.54
C GLY B 102 20.58 2.74 -42.91
N THR B 103 21.01 1.48 -42.87
CA THR B 103 22.30 1.14 -42.30
C THR B 103 23.44 1.75 -43.11
N ASP B 104 23.34 1.73 -44.44
CA ASP B 104 24.39 2.23 -45.29
C ASP B 104 24.53 3.75 -45.13
N TYR B 105 25.76 4.22 -44.92
CA TYR B 105 26.01 5.64 -44.76
C TYR B 105 27.29 6.10 -45.45
N THR B 106 27.96 5.23 -46.20
CA THR B 106 29.22 5.55 -46.85
C THR B 106 29.09 5.64 -48.36
N THR B 107 27.87 5.78 -48.88
CA THR B 107 27.62 5.88 -50.31
C THR B 107 26.92 7.19 -50.62
N THR B 108 27.21 7.72 -51.81
CA THR B 108 26.61 8.99 -52.23
C THR B 108 25.11 8.86 -52.44
N GLY B 109 24.64 7.67 -52.86
CA GLY B 109 23.22 7.49 -53.08
C GLY B 109 22.39 7.61 -51.82
N SER B 110 22.96 7.19 -50.67
CA SER B 110 22.22 7.25 -49.42
C SER B 110 21.93 8.67 -48.97
N TYR B 111 22.68 9.66 -49.45
CA TYR B 111 22.49 11.05 -49.07
C TYR B 111 21.68 11.75 -50.15
N ASP B 112 20.50 12.26 -49.78
CA ASP B 112 19.62 12.90 -50.74
C ASP B 112 20.08 14.31 -51.11
N TYR B 113 20.66 15.04 -50.16
CA TYR B 113 21.04 16.43 -50.37
C TYR B 113 22.55 16.54 -50.51
N TRP B 114 22.98 17.53 -51.32
CA TRP B 114 24.39 17.75 -51.56
C TRP B 114 24.63 19.26 -51.72
N GLY B 115 25.89 19.65 -51.50
CA GLY B 115 26.29 21.04 -51.62
C GLY B 115 27.10 21.29 -52.87
N GLN B 116 27.36 22.59 -53.11
CA GLN B 116 28.15 22.98 -54.28
C GLN B 116 29.58 22.47 -54.17
N GLY B 117 30.18 22.58 -53.00
CA GLY B 117 31.53 22.10 -52.77
C GLY B 117 32.57 23.19 -52.92
N THR B 118 33.68 23.03 -52.19
CA THR B 118 34.79 23.96 -52.23
C THR B 118 36.08 23.19 -52.48
N GLN B 119 36.93 23.74 -53.33
CA GLN B 119 38.17 23.08 -53.70
C GLN B 119 39.24 23.33 -52.65
N VAL B 120 39.94 22.27 -52.24
CA VAL B 120 41.04 22.36 -51.29
C VAL B 120 42.31 21.86 -51.96
N THR B 121 43.34 22.69 -51.95
CA THR B 121 44.61 22.38 -52.61
C THR B 121 45.71 22.30 -51.56
N VAL B 122 46.49 21.22 -51.60
CA VAL B 122 47.61 21.01 -50.70
C VAL B 122 48.88 20.87 -51.53
N SER B 123 49.90 21.65 -51.20
CA SER B 123 51.17 21.64 -51.91
C SER B 123 52.29 21.29 -50.96
N SER B 124 53.21 20.46 -51.43
CA SER B 124 54.35 20.04 -50.62
C SER B 124 55.41 21.13 -50.54
N GLN C 1 -31.91 -20.84 16.60
CA GLN C 1 -30.72 -20.59 15.77
C GLN C 1 -29.77 -21.78 15.81
N VAL C 2 -29.52 -22.29 17.02
CA VAL C 2 -28.63 -23.42 17.24
C VAL C 2 -29.41 -24.52 17.95
N GLN C 3 -29.37 -25.72 17.39
CA GLN C 3 -30.05 -26.88 17.95
C GLN C 3 -29.02 -27.86 18.49
N LEU C 4 -29.17 -28.25 19.74
CA LEU C 4 -28.24 -29.15 20.41
C LEU C 4 -28.89 -30.53 20.55
N VAL C 5 -28.22 -31.55 20.01
CA VAL C 5 -28.68 -32.93 20.09
C VAL C 5 -27.60 -33.75 20.78
N GLU C 6 -27.98 -34.47 21.82
CA GLU C 6 -27.06 -35.28 22.60
C GLU C 6 -27.23 -36.76 22.27
N SER C 7 -26.19 -37.54 22.57
CA SER C 7 -26.19 -38.97 22.30
C SER C 7 -25.52 -39.69 23.45
N GLY C 8 -25.86 -40.96 23.60
CA GLY C 8 -25.30 -41.78 24.67
C GLY C 8 -26.24 -41.89 25.85
N GLY C 9 -26.14 -43.01 26.56
CA GLY C 9 -26.98 -43.24 27.72
C GLY C 9 -26.95 -44.70 28.11
N GLY C 10 -27.98 -45.11 28.84
CA GLY C 10 -28.14 -46.48 29.29
C GLY C 10 -27.82 -46.62 30.77
N LEU C 11 -27.87 -47.87 31.22
CA LEU C 11 -27.60 -48.22 32.61
C LEU C 11 -26.19 -48.80 32.72
N VAL C 12 -25.41 -48.29 33.67
CA VAL C 12 -24.02 -48.69 33.87
C VAL C 12 -23.83 -49.04 35.34
N GLN C 13 -23.02 -50.06 35.59
CA GLN C 13 -22.69 -50.45 36.96
C GLN C 13 -21.77 -49.40 37.59
N ALA C 14 -21.64 -49.47 38.92
CA ALA C 14 -20.79 -48.52 39.63
C ALA C 14 -19.35 -48.59 39.16
N GLY C 15 -18.92 -49.74 38.66
CA GLY C 15 -17.58 -49.86 38.10
C GLY C 15 -17.58 -49.91 36.59
N GLY C 16 -17.20 -48.81 35.96
CA GLY C 16 -17.19 -48.75 34.51
C GLY C 16 -17.04 -47.31 34.04
N SER C 17 -17.19 -47.15 32.72
CA SER C 17 -17.09 -45.83 32.11
C SER C 17 -17.93 -45.80 30.83
N LEU C 18 -18.29 -44.58 30.43
CA LEU C 18 -19.05 -44.38 29.20
C LEU C 18 -18.79 -42.97 28.70
N ARG C 19 -19.13 -42.75 27.43
CA ARG C 19 -18.88 -41.48 26.76
C ARG C 19 -20.19 -40.90 26.22
N LEU C 20 -20.37 -39.60 26.41
CA LEU C 20 -21.53 -38.88 25.91
C LEU C 20 -21.08 -37.86 24.86
N ALA C 21 -21.84 -37.78 23.77
CA ALA C 21 -21.54 -36.88 22.67
C ALA C 21 -22.75 -35.98 22.40
N CYS C 22 -22.50 -34.68 22.29
CA CYS C 22 -23.53 -33.70 21.98
C CYS C 22 -23.22 -33.06 20.63
N ALA C 23 -24.21 -33.02 19.74
CA ALA C 23 -24.05 -32.48 18.41
C ALA C 23 -24.74 -31.12 18.31
N ALA C 24 -24.06 -30.14 17.74
CA ALA C 24 -24.59 -28.80 17.58
C ALA C 24 -24.97 -28.57 16.13
N SER C 25 -26.17 -28.04 15.90
CA SER C 25 -26.68 -27.75 14.56
C SER C 25 -26.80 -26.24 14.42
N GLY C 26 -25.72 -25.61 13.95
CA GLY C 26 -25.70 -24.17 13.78
C GLY C 26 -24.27 -23.67 13.73
N ARG C 27 -24.13 -22.37 13.98
CA ARG C 27 -22.83 -21.70 13.99
C ARG C 27 -22.42 -21.42 15.43
N ILE C 28 -21.21 -21.84 15.78
CA ILE C 28 -20.73 -21.66 17.14
C ILE C 28 -20.02 -20.31 17.31
N PHE C 29 -19.45 -19.76 16.24
CA PHE C 29 -18.74 -18.48 16.20
C PHE C 29 -17.45 -18.49 16.99
N SER C 30 -17.00 -19.66 17.47
CA SER C 30 -15.75 -19.83 18.20
C SER C 30 -15.69 -18.97 19.47
N SER C 31 -16.83 -18.49 19.94
CA SER C 31 -16.88 -17.68 21.16
C SER C 31 -17.97 -18.10 22.14
N ASP C 32 -18.94 -18.90 21.72
CA ASP C 32 -20.00 -19.34 22.62
C ASP C 32 -19.46 -20.31 23.66
N THR C 33 -20.10 -20.32 24.83
CA THR C 33 -19.71 -21.18 25.94
C THR C 33 -20.65 -22.38 25.99
N LEU C 34 -20.08 -23.58 25.97
CA LEU C 34 -20.84 -24.83 26.01
C LEU C 34 -20.55 -25.55 27.32
N ALA C 35 -21.62 -25.94 28.01
CA ALA C 35 -21.49 -26.59 29.31
C ALA C 35 -22.43 -27.79 29.37
N TRP C 36 -22.09 -28.73 30.26
CA TRP C 36 -22.90 -29.90 30.52
C TRP C 36 -23.57 -29.75 31.88
N PHE C 37 -24.89 -29.92 31.90
CA PHE C 37 -25.68 -29.80 33.12
C PHE C 37 -26.45 -31.10 33.36
N ARG C 38 -26.53 -31.50 34.63
CA ARG C 38 -27.25 -32.71 35.01
C ARG C 38 -28.19 -32.40 36.16
N ARG C 39 -29.33 -33.09 36.17
CA ARG C 39 -30.33 -32.94 37.21
C ARG C 39 -30.49 -34.24 37.98
N ALA C 40 -30.53 -34.15 39.29
CA ALA C 40 -30.78 -35.30 40.14
C ALA C 40 -32.21 -35.28 40.65
N PRO C 41 -32.81 -36.45 40.92
CA PRO C 41 -34.20 -36.47 41.40
C PRO C 41 -34.36 -35.78 42.75
N GLY C 42 -35.09 -34.67 42.77
CA GLY C 42 -35.34 -33.95 44.00
C GLY C 42 -34.49 -32.72 44.22
N LYS C 43 -33.70 -32.29 43.23
CA LYS C 43 -32.86 -31.12 43.39
C LYS C 43 -32.64 -30.47 42.04
N GLU C 44 -32.24 -29.19 42.08
CA GLU C 44 -32.00 -28.40 40.89
C GLU C 44 -30.69 -28.80 40.23
N ARG C 45 -30.55 -28.45 38.94
CA ARG C 45 -29.36 -28.80 38.19
C ARG C 45 -28.13 -28.11 38.78
N GLU C 46 -26.98 -28.76 38.62
CA GLU C 46 -25.72 -28.24 39.12
C GLU C 46 -24.69 -28.23 37.99
N PHE C 47 -23.74 -27.30 38.11
CA PHE C 47 -22.69 -27.17 37.10
C PHE C 47 -21.76 -28.37 37.15
N VAL C 48 -21.27 -28.78 35.98
CA VAL C 48 -20.37 -29.93 35.89
C VAL C 48 -19.05 -29.50 35.26
N ALA C 49 -19.11 -29.03 34.01
CA ALA C 49 -17.91 -28.60 33.30
C ALA C 49 -18.32 -27.69 32.15
N ALA C 50 -17.36 -26.89 31.69
CA ALA C 50 -17.58 -25.98 30.57
C ALA C 50 -16.23 -25.63 29.96
N SER C 51 -16.28 -25.15 28.72
CA SER C 51 -15.09 -24.73 28.00
C SER C 51 -15.50 -23.93 26.78
N ARG C 52 -14.75 -22.87 26.48
CA ARG C 52 -15.01 -22.08 25.30
C ARG C 52 -14.59 -22.84 24.04
N TRP C 53 -15.22 -22.51 22.92
CA TRP C 53 -14.91 -23.17 21.66
C TRP C 53 -13.47 -22.91 21.24
N SER C 54 -13.00 -21.67 21.42
CA SER C 54 -11.63 -21.34 21.04
C SER C 54 -10.62 -22.10 21.90
N GLY C 55 -10.86 -22.19 23.20
CA GLY C 55 -9.93 -22.87 24.08
C GLY C 55 -10.37 -22.76 25.51
N GLY C 56 -9.44 -23.09 26.41
CA GLY C 56 -9.73 -23.06 27.83
C GLY C 56 -10.51 -24.26 28.30
N GLY C 57 -10.95 -24.20 29.54
CA GLY C 57 -11.72 -25.26 30.13
C GLY C 57 -11.78 -25.16 31.63
N THR C 58 -12.80 -25.79 32.20
CA THR C 58 -12.99 -25.81 33.65
C THR C 58 -13.79 -27.05 34.02
N ASP C 59 -13.77 -27.38 35.30
CA ASP C 59 -14.46 -28.56 35.82
C ASP C 59 -15.08 -28.22 37.16
N TYR C 60 -15.81 -29.17 37.71
CA TYR C 60 -16.49 -29.04 39.00
C TYR C 60 -17.42 -27.81 39.01
N LYS C 65 -12.22 -31.15 39.26
CA LYS C 65 -12.63 -32.53 39.52
C LYS C 65 -11.51 -33.50 39.19
N GLY C 66 -11.02 -33.45 37.96
CA GLY C 66 -9.95 -34.32 37.49
C GLY C 66 -10.43 -35.63 36.91
N ARG C 67 -11.47 -36.22 37.49
CA ARG C 67 -12.00 -37.48 36.96
C ARG C 67 -12.59 -37.29 35.57
N PHE C 68 -13.28 -36.18 35.34
CA PHE C 68 -13.94 -35.90 34.06
C PHE C 68 -13.11 -34.89 33.28
N THR C 69 -12.88 -35.18 32.01
CA THR C 69 -12.11 -34.31 31.13
C THR C 69 -12.99 -33.83 29.97
N PHE C 70 -12.64 -32.67 29.44
CA PHE C 70 -13.39 -32.02 28.37
C PHE C 70 -12.62 -32.09 27.06
N SER C 71 -13.32 -32.39 25.98
CA SER C 71 -12.71 -32.46 24.66
C SER C 71 -13.68 -31.92 23.61
N ARG C 72 -13.12 -31.38 22.54
CA ARG C 72 -13.91 -30.86 21.43
C ARG C 72 -13.25 -31.25 20.11
N ASP C 73 -14.06 -31.38 19.07
CA ASP C 73 -13.57 -31.78 17.76
C ASP C 73 -13.30 -30.56 16.89
N ASN C 74 -14.19 -29.56 16.96
CA ASN C 74 -13.99 -28.23 16.37
C ASN C 74 -14.09 -28.21 14.85
N THR C 75 -14.34 -29.35 14.22
CA THR C 75 -14.56 -29.37 12.78
C THR C 75 -15.87 -30.02 12.38
N ARG C 76 -16.42 -30.90 13.22
CA ARG C 76 -17.70 -31.54 12.95
C ARG C 76 -18.83 -30.97 13.81
N ASN C 77 -18.56 -29.87 14.53
CA ASN C 77 -19.54 -29.26 15.43
C ASN C 77 -20.05 -30.27 16.46
N THR C 78 -19.13 -31.06 17.00
CA THR C 78 -19.45 -32.08 17.99
C THR C 78 -18.61 -31.85 19.24
N MET C 79 -19.18 -32.25 20.38
CA MET C 79 -18.51 -32.12 21.67
C MET C 79 -18.75 -33.38 22.48
N CYS C 80 -17.73 -33.80 23.23
CA CYS C 80 -17.80 -35.03 24.00
C CYS C 80 -17.29 -34.78 25.42
N LEU C 81 -17.92 -35.47 26.37
CA LEU C 81 -17.51 -35.42 27.78
C LEU C 81 -17.71 -36.83 28.35
N GLU C 82 -16.63 -37.61 28.35
CA GLU C 82 -16.68 -38.95 28.90
C GLU C 82 -16.43 -38.93 30.41
N MET C 83 -17.01 -39.91 31.09
CA MET C 83 -16.93 -40.01 32.55
C MET C 83 -16.10 -41.23 32.93
N ASN C 84 -15.17 -41.04 33.86
CA ASN C 84 -14.33 -42.11 34.37
C ASN C 84 -14.53 -42.26 35.87
N SER C 85 -14.47 -43.50 36.35
CA SER C 85 -14.67 -43.84 37.76
C SER C 85 -16.01 -43.30 38.27
N LEU C 86 -17.07 -43.82 37.66
CA LEU C 86 -18.42 -43.39 38.01
C LEU C 86 -18.81 -43.87 39.40
N LYS C 87 -19.80 -43.20 39.98
CA LYS C 87 -20.31 -43.53 41.30
C LYS C 87 -21.84 -43.61 41.23
N PRO C 88 -22.46 -44.38 42.13
CA PRO C 88 -23.93 -44.48 42.12
C PRO C 88 -24.62 -43.15 42.30
N GLU C 89 -24.06 -42.23 43.10
CA GLU C 89 -24.67 -40.92 43.27
C GLU C 89 -24.45 -40.01 42.06
N ASP C 90 -23.49 -40.36 41.19
CA ASP C 90 -23.22 -39.56 40.01
C ASP C 90 -24.23 -39.78 38.89
N THR C 91 -25.09 -40.80 39.00
CA THR C 91 -26.07 -41.06 37.96
C THR C 91 -27.13 -39.97 37.96
N ALA C 92 -27.40 -39.41 36.78
CA ALA C 92 -28.35 -38.32 36.63
C ALA C 92 -28.70 -38.19 35.15
N VAL C 93 -29.61 -37.28 34.85
CA VAL C 93 -30.01 -36.98 33.48
C VAL C 93 -29.19 -35.79 33.00
N TYR C 94 -28.38 -36.00 31.96
CA TYR C 94 -27.44 -34.99 31.48
C TYR C 94 -28.06 -34.17 30.35
N TYR C 95 -27.80 -32.87 30.38
CA TYR C 95 -28.31 -31.95 29.38
C TYR C 95 -27.15 -31.22 28.70
N CYS C 96 -27.34 -30.89 27.44
CA CYS C 96 -26.37 -30.13 26.65
C CYS C 96 -26.86 -28.70 26.51
N ALA C 97 -26.04 -27.74 26.92
CA ALA C 97 -26.42 -26.34 26.94
C ALA C 97 -25.36 -25.49 26.26
N LEU C 98 -25.80 -24.37 25.70
CA LEU C 98 -24.92 -23.41 25.03
C LEU C 98 -25.21 -22.01 25.54
N ARG C 99 -24.16 -21.24 25.76
CA ARG C 99 -24.27 -19.86 26.22
C ARG C 99 -23.76 -18.93 25.12
N THR C 100 -24.56 -17.94 24.77
CA THR C 100 -24.18 -16.97 23.75
C THR C 100 -23.52 -15.75 24.38
N ALA C 101 -22.56 -15.18 23.66
CA ALA C 101 -21.83 -14.01 24.12
C ALA C 101 -22.38 -12.70 23.57
N ARG C 102 -23.53 -12.75 22.90
CA ARG C 102 -24.10 -11.52 22.34
C ARG C 102 -24.47 -10.53 23.44
N ASP C 103 -25.09 -11.01 24.52
CA ASP C 103 -25.49 -10.12 25.60
C ASP C 103 -24.28 -9.57 26.35
N SER C 104 -23.36 -10.45 26.72
CA SER C 104 -22.16 -10.03 27.46
C SER C 104 -21.09 -11.09 27.29
N TYR C 105 -19.84 -10.68 27.52
CA TYR C 105 -18.69 -11.57 27.43
C TYR C 105 -18.32 -12.18 28.78
N TYR C 106 -19.00 -11.82 29.86
CA TYR C 106 -18.67 -12.34 31.17
C TYR C 106 -19.03 -13.82 31.27
N TYR C 107 -18.21 -14.56 32.03
CA TYR C 107 -18.41 -15.98 32.25
C TYR C 107 -19.13 -16.20 33.57
N THR C 108 -20.20 -16.98 33.52
CA THR C 108 -20.98 -17.31 34.71
C THR C 108 -21.40 -18.77 34.66
N ARG C 109 -21.59 -19.36 35.84
CA ARG C 109 -22.03 -20.74 35.97
C ARG C 109 -23.53 -20.86 36.20
N ASN C 110 -24.26 -19.76 36.14
CA ASN C 110 -25.70 -19.78 36.37
C ASN C 110 -26.40 -20.42 35.18
N PRO C 111 -27.19 -21.48 35.37
CA PRO C 111 -27.91 -22.07 34.23
C PRO C 111 -28.93 -21.14 33.60
N THR C 112 -29.41 -20.13 34.34
CA THR C 112 -30.38 -19.19 33.77
C THR C 112 -29.76 -18.36 32.65
N GLY C 113 -28.46 -18.09 32.72
CA GLY C 113 -27.80 -17.33 31.67
C GLY C 113 -27.78 -18.04 30.34
N TYR C 114 -27.66 -19.37 30.35
CA TYR C 114 -27.63 -20.14 29.12
C TYR C 114 -28.99 -20.06 28.43
N ASP C 115 -28.97 -19.81 27.12
CA ASP C 115 -30.19 -19.64 26.33
C ASP C 115 -30.61 -20.89 25.59
N TYR C 116 -29.65 -21.62 25.01
CA TYR C 116 -29.94 -22.82 24.23
C TYR C 116 -29.75 -24.05 25.10
N TRP C 117 -30.76 -24.92 25.12
CA TRP C 117 -30.73 -26.14 25.92
C TRP C 117 -31.16 -27.32 25.07
N GLY C 118 -30.66 -28.50 25.41
CA GLY C 118 -30.98 -29.72 24.72
C GLY C 118 -31.79 -30.68 25.57
N GLN C 119 -32.03 -31.86 25.00
CA GLN C 119 -32.79 -32.90 25.67
C GLN C 119 -31.90 -33.62 26.69
N GLY C 120 -32.51 -34.53 27.44
CA GLY C 120 -31.81 -35.27 28.47
C GLY C 120 -31.77 -36.76 28.16
N THR C 121 -30.75 -37.43 28.67
CA THR C 121 -30.57 -38.85 28.48
C THR C 121 -30.23 -39.51 29.82
N GLN C 122 -30.52 -40.80 29.92
CA GLN C 122 -30.28 -41.60 31.12
C GLN C 122 -30.96 -40.98 32.34
#